data_7OJ8
#
_entry.id   7OJ8
#
_cell.length_a   1.00
_cell.length_b   1.00
_cell.length_c   1.00
_cell.angle_alpha   90.00
_cell.angle_beta   90.00
_cell.angle_gamma   90.00
#
_symmetry.space_group_name_H-M   'P 1'
#
loop_
_entity.id
_entity.type
_entity.pdbx_description
1 polymer 'Broad substrate specificity ATP-binding cassette transporter ABCG2'
2 non-polymer "ADENOSINE-5'-TRIPHOSPHATE"
3 non-polymer CHOLESTEROL
4 non-polymer 'estrone 3-sulfate'
#
_entity_poly.entity_id   1
_entity_poly.type   'polypeptide(L)'
_entity_poly.pdbx_seq_one_letter_code
;MDYKDDDDKGSSSSNVEVFIPVSQGNTNGFPATASNDLKAFTEGAVLSFHNICYRVKLKSGFLPCRKPVEKEILSNINGI
MKPGLNAILGPTGGGKSSLLDVLAARKDPSGLSGDVLINGAPRPANFKCNSGYVVQDDVVMGTLTVRENLQFSAALRLAT
TMTNHEKNERINRVIQELGLDKVADSKVGTQFIRGVSGGERKRTSIGMELITDPSILFLDEPTTGLDSSTANAVLLLLKR
MSKQGRTIIFSIHQPRYSIFKLFDSLTLLASGRLMFHGPAQEALGYFESAGYHCEAYNNPADFFLDIINGDSTAVALNRE
EDFKATEIIEPSKQDKPLIEKLAEIYVNSSFYKETKAELHQLSGGEKKKKITVFKEISYTTSFCHQLRWVSKRSFKNLLG
NPQASIAQIIVTVVLGLVIGAIYFGLKNDSTGIQNRAGVLFFLTTNQCFSSVSAVELFVVEKKLFIHEYISGYYRVSSYF
LGKLLSDLLPMRMLPSIIFTCIVYFMLGLKPKADAFFVMMFTLMMVAYSASSMALAIAAGQSVVSVATLLMTICFVFMMI
FSGLLVNLTTIASWLSWLQYFSIPRYGFTALQHNEFLGQNFCPGLNATGNNPCNYATCTGEEYLVKQGIDLSPWGLWKNH
VALACMIVIFLTIAYLKLLFLKKYS
;
_entity_poly.pdbx_strand_id   A,B
#
loop_
_chem_comp.id
_chem_comp.type
_chem_comp.name
_chem_comp.formula
ATP non-polymer ADENOSINE-5'-TRIPHOSPHATE 'C10 H16 N5 O13 P3'
CLR non-polymer CHOLESTEROL 'C27 H46 O'
FY5 non-polymer 'estrone 3-sulfate' 'C18 H22 O5 S'
#
# COMPACT_ATOMS: atom_id res chain seq x y z
N GLY A 44 -32.88 29.94 4.18
CA GLY A 44 -32.23 28.97 3.33
C GLY A 44 -32.75 27.56 3.55
N ALA A 45 -31.92 26.57 3.26
CA ALA A 45 -32.33 25.19 3.48
C ALA A 45 -32.51 24.94 4.97
N VAL A 46 -33.57 24.21 5.30
CA VAL A 46 -33.87 23.85 6.68
C VAL A 46 -34.00 22.33 6.70
N LEU A 47 -32.89 21.64 6.88
CA LEU A 47 -32.98 20.20 7.01
C LEU A 47 -33.62 19.86 8.34
N SER A 48 -34.33 18.74 8.38
CA SER A 48 -34.91 18.27 9.62
C SER A 48 -35.09 16.78 9.53
N PHE A 49 -35.06 16.12 10.68
CA PHE A 49 -35.17 14.67 10.71
C PHE A 49 -35.99 14.26 11.92
N HIS A 50 -36.33 12.98 11.98
CA HIS A 50 -37.28 12.50 12.98
C HIS A 50 -37.08 11.01 13.13
N ASN A 51 -36.65 10.57 14.30
CA ASN A 51 -36.51 9.15 14.59
C ASN A 51 -35.49 8.50 13.67
N ILE A 52 -34.33 9.12 13.49
CA ILE A 52 -33.25 8.49 12.75
C ILE A 52 -32.68 7.33 13.53
N CYS A 53 -32.45 6.21 12.86
CA CYS A 53 -31.77 5.07 13.45
C CYS A 53 -30.97 4.40 12.34
N TYR A 54 -30.02 3.55 12.72
CA TYR A 54 -29.23 2.87 11.70
C TYR A 54 -28.74 1.53 12.22
N ARG A 55 -28.40 0.65 11.28
CA ARG A 55 -27.88 -0.66 11.60
C ARG A 55 -26.79 -1.03 10.59
N VAL A 56 -25.80 -1.77 11.05
CA VAL A 56 -24.66 -2.15 10.22
C VAL A 56 -24.42 -3.64 10.38
N LYS A 57 -24.24 -4.33 9.26
CA LYS A 57 -23.99 -5.76 9.26
C LYS A 57 -22.51 -6.01 9.54
N LEU A 58 -22.21 -6.64 10.67
CA LEU A 58 -20.85 -6.90 11.08
C LEU A 58 -20.12 -7.80 10.09
N PRO A 68 -25.36 -11.34 8.40
CA PRO A 68 -26.23 -12.01 9.37
C PRO A 68 -26.03 -11.50 10.78
N VAL A 69 -24.94 -10.76 11.01
CA VAL A 69 -24.63 -10.21 12.32
C VAL A 69 -24.73 -8.69 12.22
N GLU A 70 -25.48 -8.10 13.14
CA GLU A 70 -25.90 -6.72 13.01
C GLU A 70 -25.69 -5.96 14.32
N LYS A 71 -25.55 -4.65 14.19
CA LYS A 71 -25.30 -3.74 15.29
C LYS A 71 -26.17 -2.50 15.09
N GLU A 72 -26.18 -1.60 16.07
CA GLU A 72 -26.83 -0.32 15.90
C GLU A 72 -25.84 0.81 16.12
N ILE A 73 -25.70 1.67 15.12
CA ILE A 73 -24.95 2.91 15.20
C ILE A 73 -26.01 4.01 15.03
N LEU A 74 -26.00 5.03 15.90
CA LEU A 74 -27.00 6.11 15.80
C LEU A 74 -28.39 5.66 16.19
N SER A 75 -28.79 5.94 17.43
CA SER A 75 -29.85 5.18 18.06
C SER A 75 -31.24 5.78 17.85
N ASN A 76 -31.36 7.09 17.65
CA ASN A 76 -32.67 7.73 17.81
C ASN A 76 -32.48 9.23 18.00
N ILE A 77 -31.83 9.83 17.01
CA ILE A 77 -31.50 11.24 17.00
C ILE A 77 -32.71 12.00 16.47
N ASN A 78 -33.12 13.06 17.15
CA ASN A 78 -34.29 13.84 16.74
C ASN A 78 -33.96 15.33 16.78
N GLY A 79 -33.90 15.97 15.61
CA GLY A 79 -33.38 17.32 15.62
C GLY A 79 -33.61 18.09 14.34
N ILE A 80 -33.29 19.38 14.42
CA ILE A 80 -33.49 20.32 13.32
C ILE A 80 -32.19 21.05 13.08
N MET A 81 -31.89 21.31 11.81
CA MET A 81 -30.83 22.24 11.43
C MET A 81 -31.46 23.48 10.83
N LYS A 82 -30.65 24.50 10.60
CA LYS A 82 -31.13 25.79 10.15
C LYS A 82 -30.04 26.46 9.35
N PRO A 83 -30.39 27.44 8.52
CA PRO A 83 -29.35 28.18 7.80
C PRO A 83 -28.51 28.99 8.77
N GLY A 84 -27.21 28.97 8.56
CA GLY A 84 -26.29 29.51 9.53
C GLY A 84 -25.09 28.59 9.70
N LEU A 85 -24.71 28.30 10.93
CA LEU A 85 -23.57 27.44 11.20
C LEU A 85 -23.94 26.39 12.22
N ASN A 86 -24.28 25.19 11.75
CA ASN A 86 -24.62 24.08 12.62
C ASN A 86 -23.43 23.18 12.85
N ALA A 87 -23.48 22.38 13.91
CA ALA A 87 -22.29 21.63 14.29
C ALA A 87 -22.66 20.30 14.93
N ILE A 88 -21.69 19.38 14.94
CA ILE A 88 -21.82 18.10 15.61
C ILE A 88 -20.54 17.84 16.37
N LEU A 89 -20.62 17.82 17.69
CA LEU A 89 -19.42 17.75 18.51
C LEU A 89 -19.56 16.64 19.55
N GLY A 90 -18.73 15.61 19.45
CA GLY A 90 -18.84 14.48 20.33
C GLY A 90 -17.63 13.57 20.29
N PRO A 91 -17.57 12.62 21.23
CA PRO A 91 -16.38 11.78 21.35
C PRO A 91 -16.10 10.98 20.09
N THR A 92 -14.81 10.76 19.84
CA THR A 92 -14.37 10.07 18.64
C THR A 92 -15.00 8.69 18.53
N GLY A 93 -15.48 8.36 17.34
CA GLY A 93 -16.13 7.08 17.12
C GLY A 93 -17.38 6.91 17.95
N GLY A 94 -18.06 8.00 18.26
CA GLY A 94 -19.31 7.94 18.98
C GLY A 94 -20.53 8.11 18.10
N GLY A 95 -20.34 8.34 16.81
CA GLY A 95 -21.45 8.59 15.93
C GLY A 95 -21.43 9.93 15.24
N LYS A 96 -20.25 10.44 14.91
CA LYS A 96 -20.15 11.74 14.26
C LYS A 96 -20.20 11.64 12.73
N SER A 97 -19.28 10.87 12.15
CA SER A 97 -19.31 10.71 10.70
C SER A 97 -20.54 9.96 10.24
N SER A 98 -20.99 8.99 11.04
CA SER A 98 -22.14 8.18 10.66
C SER A 98 -23.38 9.06 10.46
N LEU A 99 -23.68 9.91 11.44
CA LEU A 99 -24.84 10.77 11.31
C LEU A 99 -24.71 11.70 10.12
N LEU A 100 -23.52 12.24 9.91
CA LEU A 100 -23.33 13.15 8.80
C LEU A 100 -23.59 12.45 7.47
N ASP A 101 -23.08 11.22 7.32
CA ASP A 101 -23.36 10.48 6.11
C ASP A 101 -24.86 10.25 5.95
N VAL A 102 -25.51 9.81 7.01
CA VAL A 102 -26.94 9.53 6.93
C VAL A 102 -27.71 10.77 6.49
N LEU A 103 -27.34 11.93 7.01
CA LEU A 103 -28.00 13.14 6.56
C LEU A 103 -27.66 13.48 5.13
N ALA A 104 -26.51 13.02 4.65
CA ALA A 104 -26.07 13.37 3.31
C ALA A 104 -26.56 12.41 2.25
N ALA A 105 -27.42 11.46 2.62
CA ALA A 105 -27.91 10.43 1.71
C ALA A 105 -26.73 9.66 1.11
N ARG A 106 -25.90 9.10 1.98
CA ARG A 106 -24.70 8.41 1.54
C ARG A 106 -24.56 7.04 2.19
N LYS A 107 -25.63 6.52 2.75
CA LYS A 107 -25.62 5.17 3.30
C LYS A 107 -26.82 4.42 2.76
N ASP A 108 -26.67 3.11 2.66
CA ASP A 108 -27.71 2.30 2.05
C ASP A 108 -29.01 2.46 2.82
N PRO A 109 -30.11 2.77 2.14
CA PRO A 109 -31.37 2.99 2.87
C PRO A 109 -31.98 1.72 3.43
N SER A 110 -31.15 0.76 3.84
CA SER A 110 -31.61 -0.40 4.57
C SER A 110 -31.31 -0.29 6.06
N GLY A 111 -31.33 0.94 6.59
CA GLY A 111 -30.98 1.14 7.99
C GLY A 111 -31.54 2.44 8.55
N LEU A 112 -31.65 3.45 7.69
CA LEU A 112 -32.32 4.67 8.10
C LEU A 112 -33.79 4.42 8.36
N SER A 113 -34.11 3.70 9.42
CA SER A 113 -35.47 3.75 9.90
C SER A 113 -35.80 5.19 10.31
N GLY A 114 -36.53 5.95 9.49
CA GLY A 114 -36.84 7.36 9.78
C GLY A 114 -36.91 8.18 8.51
N ASP A 115 -36.41 9.43 8.50
CA ASP A 115 -36.61 10.33 7.37
C ASP A 115 -35.72 11.57 7.45
N VAL A 116 -35.81 12.40 6.40
CA VAL A 116 -35.14 13.69 6.26
C VAL A 116 -36.02 14.55 5.38
N LEU A 117 -36.24 15.79 5.77
CA LEU A 117 -37.22 16.64 5.08
C LEU A 117 -36.60 18.01 4.88
N ILE A 118 -36.24 18.31 3.64
CA ILE A 118 -35.69 19.62 3.31
C ILE A 118 -36.85 20.58 3.19
N ASN A 119 -36.91 21.56 4.11
CA ASN A 119 -37.97 22.57 4.12
C ASN A 119 -39.35 21.92 4.15
N GLY A 120 -39.44 20.76 4.78
CA GLY A 120 -40.68 20.02 4.83
C GLY A 120 -40.86 19.00 3.73
N ALA A 121 -40.75 19.43 2.48
CA ALA A 121 -40.87 18.51 1.37
C ALA A 121 -39.72 17.51 1.43
N PRO A 122 -39.93 16.28 0.94
CA PRO A 122 -38.87 15.27 1.01
C PRO A 122 -37.69 15.67 0.14
N ARG A 123 -36.64 14.87 0.25
CA ARG A 123 -35.37 15.21 -0.38
C ARG A 123 -35.55 15.42 -1.87
N PRO A 124 -35.23 16.59 -2.40
CA PRO A 124 -35.42 16.82 -3.83
C PRO A 124 -34.45 15.97 -4.62
N ALA A 125 -34.77 15.75 -5.89
CA ALA A 125 -33.98 14.83 -6.70
C ALA A 125 -32.59 15.36 -7.00
N ASN A 126 -32.42 16.68 -7.02
CA ASN A 126 -31.12 17.29 -7.25
C ASN A 126 -30.35 17.52 -5.96
N PHE A 127 -30.70 16.80 -4.89
CA PHE A 127 -30.04 17.05 -3.63
C PHE A 127 -28.55 16.80 -3.70
N LYS A 128 -28.14 15.71 -4.33
CA LYS A 128 -26.71 15.49 -4.52
C LYS A 128 -26.11 16.46 -5.52
N CYS A 129 -26.92 17.18 -6.28
CA CYS A 129 -26.40 18.22 -7.15
C CYS A 129 -26.16 19.53 -6.40
N ASN A 130 -26.95 19.81 -5.37
CA ASN A 130 -26.92 21.10 -4.69
C ASN A 130 -26.14 21.09 -3.40
N SER A 131 -25.38 20.04 -3.10
CA SER A 131 -24.66 19.99 -1.84
C SER A 131 -23.27 19.42 -2.06
N GLY A 132 -22.33 19.89 -1.25
CA GLY A 132 -20.98 19.39 -1.27
C GLY A 132 -20.68 18.62 0.00
N TYR A 133 -19.88 17.57 -0.12
CA TYR A 133 -19.55 16.72 1.01
C TYR A 133 -18.04 16.59 1.10
N VAL A 134 -17.46 17.15 2.14
CA VAL A 134 -16.01 17.10 2.36
C VAL A 134 -15.70 15.85 3.15
N VAL A 135 -15.12 14.86 2.48
CA VAL A 135 -14.87 13.55 3.08
C VAL A 135 -13.85 13.68 4.19
N GLN A 136 -13.72 12.63 4.99
CA GLN A 136 -12.83 12.65 6.14
C GLN A 136 -11.42 12.15 5.83
N ASP A 137 -11.18 11.55 4.67
CA ASP A 137 -9.91 10.87 4.45
C ASP A 137 -9.24 11.22 3.13
N ASP A 138 -9.41 12.45 2.63
CA ASP A 138 -8.53 13.00 1.60
C ASP A 138 -8.52 12.11 0.35
N VAL A 139 -9.63 12.18 -0.39
CA VAL A 139 -9.79 11.37 -1.59
C VAL A 139 -9.30 12.16 -2.80
N VAL A 140 -8.37 13.05 -2.57
CA VAL A 140 -7.80 13.86 -3.65
C VAL A 140 -6.76 13.02 -4.39
N MET A 141 -6.73 13.18 -5.72
CA MET A 141 -5.85 12.37 -6.55
C MET A 141 -4.41 12.84 -6.40
N GLY A 142 -3.53 11.91 -6.03
CA GLY A 142 -2.19 12.28 -5.58
C GLY A 142 -1.26 12.76 -6.67
N THR A 143 -1.49 12.38 -7.92
CA THR A 143 -0.53 12.64 -8.97
C THR A 143 -0.84 13.89 -9.78
N LEU A 144 -1.83 14.67 -9.40
CA LEU A 144 -2.11 15.92 -10.08
C LEU A 144 -1.65 17.10 -9.25
N THR A 145 -1.67 18.27 -9.86
CA THR A 145 -1.45 19.50 -9.14
C THR A 145 -2.74 19.96 -8.49
N VAL A 146 -2.62 20.88 -7.55
CA VAL A 146 -3.82 21.38 -6.87
C VAL A 146 -4.74 22.07 -7.86
N ARG A 147 -4.18 22.97 -8.67
CA ARG A 147 -5.02 23.73 -9.59
C ARG A 147 -5.71 22.82 -10.58
N GLU A 148 -5.06 21.73 -10.98
CA GLU A 148 -5.70 20.81 -11.92
C GLU A 148 -6.85 20.05 -11.26
N ASN A 149 -6.71 19.66 -10.00
CA ASN A 149 -7.82 19.05 -9.29
C ASN A 149 -9.01 20.00 -9.24
N LEU A 150 -8.76 21.25 -8.90
CA LEU A 150 -9.86 22.19 -8.83
C LEU A 150 -10.46 22.44 -10.20
N GLN A 151 -9.63 22.48 -11.25
CA GLN A 151 -10.17 22.58 -12.60
C GLN A 151 -11.09 21.40 -12.89
N PHE A 152 -10.69 20.21 -12.45
CA PHE A 152 -11.47 19.02 -12.71
C PHE A 152 -12.85 19.14 -12.08
N SER A 153 -12.89 19.47 -10.79
CA SER A 153 -14.17 19.61 -10.11
C SER A 153 -15.02 20.69 -10.77
N ALA A 154 -14.42 21.82 -11.11
CA ALA A 154 -15.18 22.91 -11.70
C ALA A 154 -15.71 22.53 -13.07
N ALA A 155 -14.94 21.74 -13.81
CA ALA A 155 -15.37 21.38 -15.16
C ALA A 155 -16.49 20.37 -15.13
N LEU A 156 -16.48 19.46 -14.16
CA LEU A 156 -17.52 18.45 -14.15
C LEU A 156 -18.78 18.89 -13.43
N ARG A 157 -18.66 19.48 -12.24
CA ARG A 157 -19.81 19.70 -11.36
C ARG A 157 -20.45 21.08 -11.51
N LEU A 158 -19.96 21.92 -12.40
CA LEU A 158 -20.58 23.23 -12.63
C LEU A 158 -21.32 23.21 -13.96
N ALA A 159 -21.92 24.35 -14.29
CA ALA A 159 -22.69 24.48 -15.52
C ALA A 159 -21.81 24.37 -16.75
N THR A 160 -22.40 24.46 -17.93
CA THR A 160 -21.66 24.40 -19.18
C THR A 160 -21.39 25.78 -19.77
N THR A 161 -22.38 26.67 -19.75
CA THR A 161 -22.24 27.96 -20.41
C THR A 161 -21.25 28.88 -19.71
N MET A 162 -20.81 28.54 -18.50
CA MET A 162 -19.86 29.39 -17.79
C MET A 162 -18.52 29.37 -18.52
N THR A 163 -18.08 30.54 -18.97
CA THR A 163 -16.82 30.65 -19.67
C THR A 163 -15.68 30.18 -18.78
N ASN A 164 -14.72 29.47 -19.39
CA ASN A 164 -13.62 28.91 -18.62
C ASN A 164 -12.85 29.98 -17.87
N HIS A 165 -12.81 31.21 -18.40
CA HIS A 165 -12.16 32.31 -17.71
C HIS A 165 -12.76 32.52 -16.32
N GLU A 166 -14.09 32.52 -16.23
CA GLU A 166 -14.73 32.73 -14.94
C GLU A 166 -14.50 31.55 -14.00
N LYS A 167 -14.42 30.33 -14.54
CA LYS A 167 -14.09 29.21 -13.69
C LYS A 167 -12.70 29.37 -13.10
N ASN A 168 -11.74 29.80 -13.90
CA ASN A 168 -10.40 30.04 -13.37
C ASN A 168 -10.42 31.17 -12.34
N GLU A 169 -11.25 32.19 -12.57
CA GLU A 169 -11.38 33.27 -11.60
C GLU A 169 -11.84 32.73 -10.25
N ARG A 170 -12.88 31.90 -10.28
CA ARG A 170 -13.37 31.29 -9.06
C ARG A 170 -12.29 30.43 -8.42
N ILE A 171 -11.51 29.73 -9.25
CA ILE A 171 -10.46 28.88 -8.70
C ILE A 171 -9.43 29.71 -7.98
N ASN A 172 -9.02 30.83 -8.57
CA ASN A 172 -8.06 31.71 -7.89
C ASN A 172 -8.65 32.25 -6.59
N ARG A 173 -9.93 32.60 -6.62
CA ARG A 173 -10.59 33.09 -5.42
C ARG A 173 -10.51 32.06 -4.31
N VAL A 174 -10.86 30.81 -4.62
CA VAL A 174 -10.79 29.74 -3.62
C VAL A 174 -9.34 29.53 -3.17
N ILE A 175 -8.41 29.62 -4.11
CA ILE A 175 -7.00 29.38 -3.80
C ILE A 175 -6.50 30.38 -2.78
N GLN A 176 -6.82 31.65 -2.99
CA GLN A 176 -6.47 32.66 -2.00
C GLN A 176 -7.18 32.39 -0.68
N GLU A 177 -8.49 32.19 -0.72
CA GLU A 177 -9.27 32.14 0.51
C GLU A 177 -8.87 30.97 1.40
N LEU A 178 -8.47 29.85 0.80
CA LEU A 178 -8.12 28.68 1.59
C LEU A 178 -6.68 28.68 2.07
N GLY A 179 -5.89 29.66 1.69
CA GLY A 179 -4.48 29.62 2.02
C GLY A 179 -3.76 28.50 1.29
N LEU A 180 -3.71 28.60 -0.04
CA LEU A 180 -3.02 27.60 -0.85
C LEU A 180 -2.24 28.22 -2.00
N ASP A 181 -1.99 29.53 -1.98
CA ASP A 181 -1.43 30.18 -3.17
C ASP A 181 -0.04 29.66 -3.50
N LYS A 182 0.77 29.38 -2.48
CA LYS A 182 2.13 28.91 -2.73
C LYS A 182 2.15 27.55 -3.41
N VAL A 183 1.33 26.61 -2.95
CA VAL A 183 1.34 25.25 -3.48
C VAL A 183 0.28 25.12 -4.56
N ALA A 184 -0.14 26.26 -5.12
CA ALA A 184 -1.24 26.26 -6.07
C ALA A 184 -0.97 25.34 -7.25
N ASP A 185 0.28 25.27 -7.70
CA ASP A 185 0.63 24.40 -8.82
C ASP A 185 1.65 23.34 -8.45
N SER A 186 1.84 23.09 -7.16
CA SER A 186 2.75 22.03 -6.73
C SER A 186 2.10 20.67 -7.00
N LYS A 187 2.79 19.62 -6.60
CA LYS A 187 2.31 18.26 -6.81
C LYS A 187 1.85 17.65 -5.49
N VAL A 188 0.66 17.08 -5.50
CA VAL A 188 0.10 16.42 -4.32
C VAL A 188 0.90 15.15 -4.08
N GLY A 189 0.66 14.51 -2.93
CA GLY A 189 1.53 13.45 -2.49
C GLY A 189 1.62 12.28 -3.47
N THR A 190 2.78 11.63 -3.49
CA THR A 190 3.00 10.45 -4.35
C THR A 190 4.05 9.60 -3.63
N GLN A 191 4.13 8.30 -3.92
CA GLN A 191 5.20 7.46 -3.31
C GLN A 191 6.58 7.90 -3.80
N PHE A 192 6.70 8.23 -5.09
CA PHE A 192 8.01 8.62 -5.66
C PHE A 192 8.37 10.04 -5.23
N ILE A 193 7.47 11.01 -5.47
CA ILE A 193 7.75 12.44 -5.16
C ILE A 193 7.11 12.78 -3.82
N ARG A 194 7.91 13.17 -2.82
CA ARG A 194 7.33 13.61 -1.54
C ARG A 194 6.50 14.84 -1.87
N GLY A 195 5.32 14.99 -1.25
CA GLY A 195 4.42 16.08 -1.65
C GLY A 195 3.98 16.96 -0.52
N VAL A 196 3.01 17.82 -0.77
CA VAL A 196 2.54 18.80 0.23
C VAL A 196 2.00 18.04 1.44
N SER A 197 2.07 18.63 2.63
CA SER A 197 1.69 17.92 3.87
C SER A 197 0.18 17.92 4.05
N GLY A 198 -0.30 17.38 5.17
CA GLY A 198 -1.76 17.23 5.33
C GLY A 198 -2.48 18.54 5.19
N GLY A 199 -1.93 19.62 5.75
CA GLY A 199 -2.65 20.90 5.71
C GLY A 199 -3.07 21.25 4.29
N GLU A 200 -2.11 21.35 3.39
CA GLU A 200 -2.38 21.74 2.00
C GLU A 200 -3.30 20.74 1.33
N ARG A 201 -3.11 19.45 1.60
CA ARG A 201 -3.97 18.43 0.99
C ARG A 201 -5.40 18.56 1.47
N LYS A 202 -5.61 18.75 2.77
CA LYS A 202 -6.96 18.88 3.28
C LYS A 202 -7.61 20.16 2.77
N ARG A 203 -6.84 21.24 2.67
CA ARG A 203 -7.42 22.44 2.08
C ARG A 203 -7.76 22.23 0.61
N THR A 204 -6.99 21.40 -0.09
CA THR A 204 -7.37 21.02 -1.45
C THR A 204 -8.70 20.28 -1.45
N SER A 205 -8.83 19.30 -0.56
CA SER A 205 -10.06 18.51 -0.49
C SER A 205 -11.26 19.40 -0.23
N ILE A 206 -11.11 20.37 0.68
CA ILE A 206 -12.20 21.28 0.99
C ILE A 206 -12.50 22.20 -0.19
N GLY A 207 -11.47 22.69 -0.87
CA GLY A 207 -11.70 23.53 -2.02
C GLY A 207 -12.43 22.82 -3.14
N MET A 208 -12.16 21.52 -3.29
CA MET A 208 -12.79 20.76 -4.38
C MET A 208 -14.30 20.81 -4.28
N GLU A 209 -14.85 20.88 -3.07
CA GLU A 209 -16.28 21.04 -2.89
C GLU A 209 -16.70 22.49 -2.77
N LEU A 210 -15.83 23.34 -2.22
CA LEU A 210 -16.14 24.75 -2.09
C LEU A 210 -16.30 25.43 -3.44
N ILE A 211 -15.67 24.89 -4.48
CA ILE A 211 -15.77 25.45 -5.81
C ILE A 211 -17.13 25.22 -6.43
N THR A 212 -17.96 24.37 -5.84
CA THR A 212 -19.21 24.00 -6.46
C THR A 212 -20.31 25.03 -6.27
N ASP A 213 -20.06 26.09 -5.51
CA ASP A 213 -21.09 27.06 -5.14
C ASP A 213 -22.35 26.38 -4.60
N PRO A 214 -22.22 25.57 -3.57
CA PRO A 214 -23.38 24.82 -3.08
C PRO A 214 -24.27 25.68 -2.20
N SER A 215 -25.56 25.38 -2.23
CA SER A 215 -26.53 26.01 -1.35
C SER A 215 -26.73 25.21 -0.08
N ILE A 216 -26.03 24.10 0.08
CA ILE A 216 -25.92 23.37 1.33
C ILE A 216 -24.49 22.87 1.40
N LEU A 217 -23.94 22.72 2.59
CA LEU A 217 -22.56 22.28 2.69
C LEU A 217 -22.40 21.33 3.86
N PHE A 218 -21.57 20.31 3.67
CA PHE A 218 -21.29 19.31 4.67
C PHE A 218 -19.78 19.19 4.83
N LEU A 219 -19.32 19.01 6.05
CA LEU A 219 -17.90 18.79 6.31
C LEU A 219 -17.74 17.78 7.44
N ASP A 220 -16.81 16.86 7.28
CA ASP A 220 -16.45 15.93 8.34
C ASP A 220 -15.03 16.22 8.78
N GLU A 221 -14.88 16.68 10.03
CA GLU A 221 -13.60 17.09 10.57
C GLU A 221 -12.85 18.00 9.61
N PRO A 222 -13.39 19.19 9.33
CA PRO A 222 -12.72 20.07 8.37
C PRO A 222 -11.33 20.49 8.81
N THR A 223 -11.04 20.46 10.11
CA THR A 223 -9.72 20.82 10.63
C THR A 223 -9.19 19.65 11.45
N THR A 224 -8.50 18.73 10.78
CA THR A 224 -7.69 17.73 11.45
C THR A 224 -6.31 17.77 10.82
N GLY A 225 -5.34 18.30 11.55
CA GLY A 225 -4.03 18.54 11.01
C GLY A 225 -3.79 19.94 10.51
N LEU A 226 -4.84 20.72 10.28
CA LEU A 226 -4.66 22.12 9.92
C LEU A 226 -3.99 22.86 11.07
N ASP A 227 -3.10 23.78 10.73
CA ASP A 227 -2.37 24.52 11.74
C ASP A 227 -3.29 25.51 12.45
N SER A 228 -2.95 25.81 13.69
CA SER A 228 -3.88 26.52 14.57
C SER A 228 -4.37 27.81 13.95
N SER A 229 -3.50 28.55 13.29
CA SER A 229 -3.95 29.78 12.65
C SER A 229 -4.37 29.58 11.21
N THR A 230 -4.30 28.36 10.68
CA THR A 230 -4.98 28.07 9.43
C THR A 230 -6.34 27.44 9.64
N ALA A 231 -6.50 26.64 10.70
CA ALA A 231 -7.83 26.21 11.08
C ALA A 231 -8.71 27.41 11.41
N ASN A 232 -8.15 28.38 12.11
CA ASN A 232 -8.89 29.60 12.40
C ASN A 232 -9.27 30.34 11.13
N ALA A 233 -8.35 30.39 10.16
CA ALA A 233 -8.67 31.04 8.89
C ALA A 233 -9.79 30.30 8.18
N VAL A 234 -9.73 28.97 8.16
CA VAL A 234 -10.77 28.17 7.53
C VAL A 234 -12.12 28.45 8.16
N LEU A 235 -12.17 28.45 9.49
CA LEU A 235 -13.45 28.59 10.16
C LEU A 235 -13.99 30.01 10.08
N LEU A 236 -13.12 31.02 10.07
CA LEU A 236 -13.61 32.36 9.83
C LEU A 236 -14.17 32.49 8.42
N LEU A 237 -13.54 31.84 7.45
CA LEU A 237 -14.10 31.79 6.12
C LEU A 237 -15.48 31.13 6.13
N LEU A 238 -15.60 29.99 6.82
CA LEU A 238 -16.87 29.28 6.85
C LEU A 238 -17.96 30.13 7.48
N LYS A 239 -17.66 30.76 8.61
CA LYS A 239 -18.65 31.59 9.29
C LYS A 239 -19.05 32.77 8.42
N ARG A 240 -18.08 33.36 7.71
CA ARG A 240 -18.40 34.44 6.81
C ARG A 240 -19.31 33.98 5.69
N MET A 241 -19.10 32.78 5.19
CA MET A 241 -19.96 32.26 4.13
C MET A 241 -21.33 31.86 4.66
N SER A 242 -21.43 31.49 5.94
CA SER A 242 -22.66 30.98 6.52
C SER A 242 -23.57 32.10 6.98
N LYS A 243 -23.38 33.29 6.44
CA LYS A 243 -24.28 34.40 6.66
C LYS A 243 -24.96 34.81 5.38
N GLN A 244 -24.81 34.03 4.33
CA GLN A 244 -25.41 34.33 3.05
C GLN A 244 -26.46 33.30 2.66
N GLY A 245 -26.80 32.38 3.56
CA GLY A 245 -27.82 31.38 3.32
C GLY A 245 -27.30 29.96 3.33
N ARG A 246 -26.02 29.74 3.03
CA ARG A 246 -25.49 28.40 3.01
C ARG A 246 -25.66 27.75 4.37
N THR A 247 -26.24 26.56 4.38
CA THR A 247 -26.46 25.84 5.63
C THR A 247 -25.31 24.88 5.85
N ILE A 248 -24.39 25.27 6.70
CA ILE A 248 -23.18 24.49 6.93
C ILE A 248 -23.44 23.48 8.02
N ILE A 249 -23.01 22.25 7.81
CA ILE A 249 -23.12 21.20 8.80
C ILE A 249 -21.77 20.51 8.90
N PHE A 250 -21.20 20.46 10.10
CA PHE A 250 -19.87 19.90 10.21
C PHE A 250 -19.64 19.32 11.59
N SER A 251 -18.71 18.39 11.66
CA SER A 251 -18.17 17.91 12.92
C SER A 251 -16.90 18.69 13.24
N ILE A 252 -16.36 18.46 14.42
CA ILE A 252 -15.18 19.20 14.88
C ILE A 252 -14.58 18.47 16.07
N HIS A 253 -13.27 18.63 16.24
CA HIS A 253 -12.55 18.05 17.37
C HIS A 253 -11.87 19.16 18.16
N GLN A 254 -12.31 19.36 19.40
CA GLN A 254 -11.73 20.32 20.32
C GLN A 254 -11.56 21.70 19.68
N PRO A 255 -12.65 22.40 19.40
CA PRO A 255 -12.53 23.76 18.88
C PRO A 255 -12.08 24.71 19.98
N ARG A 256 -11.59 25.87 19.56
CA ARG A 256 -11.18 26.89 20.50
C ARG A 256 -12.39 27.71 20.92
N TYR A 257 -12.32 28.26 22.14
CA TYR A 257 -13.45 29.03 22.64
C TYR A 257 -13.77 30.21 21.74
N SER A 258 -12.78 30.76 21.06
CA SER A 258 -13.07 31.80 20.08
C SER A 258 -13.94 31.24 18.96
N ILE A 259 -13.61 30.06 18.47
CA ILE A 259 -14.44 29.40 17.46
C ILE A 259 -15.83 29.11 18.01
N PHE A 260 -15.89 28.65 19.26
CA PHE A 260 -17.15 28.22 19.86
C PHE A 260 -18.21 29.29 19.79
N LYS A 261 -17.82 30.56 19.85
CA LYS A 261 -18.80 31.63 19.76
C LYS A 261 -19.49 31.63 18.40
N LEU A 262 -18.75 31.31 17.35
CA LEU A 262 -19.28 31.45 15.99
C LEU A 262 -20.49 30.56 15.75
N PHE A 263 -20.63 29.47 16.49
CA PHE A 263 -21.66 28.49 16.22
C PHE A 263 -23.05 29.10 16.40
N ASP A 264 -24.03 28.44 15.80
CA ASP A 264 -25.43 28.78 16.01
C ASP A 264 -26.18 27.63 16.66
N SER A 265 -26.08 26.43 16.10
CA SER A 265 -26.79 25.27 16.59
C SER A 265 -25.78 24.16 16.90
N LEU A 266 -25.86 23.60 18.11
CA LEU A 266 -24.90 22.61 18.56
C LEU A 266 -25.60 21.28 18.78
N THR A 267 -24.85 20.19 18.63
CA THR A 267 -25.41 18.85 18.73
C THR A 267 -24.36 17.91 19.28
N LEU A 268 -24.65 17.24 20.39
CA LEU A 268 -23.70 16.37 21.05
C LEU A 268 -24.16 14.92 20.89
N LEU A 269 -23.28 14.10 20.34
CA LEU A 269 -23.55 12.68 20.15
C LEU A 269 -22.50 11.88 20.93
N ALA A 270 -22.96 10.90 21.69
CA ALA A 270 -22.07 10.02 22.43
C ALA A 270 -22.73 8.66 22.51
N SER A 271 -22.14 7.67 21.84
CA SER A 271 -22.72 6.33 21.75
C SER A 271 -24.13 6.39 21.17
N GLY A 272 -24.21 6.97 19.99
CA GLY A 272 -25.47 7.00 19.27
C GLY A 272 -26.48 7.98 19.81
N ARG A 273 -26.75 7.92 21.10
CA ARG A 273 -27.83 8.72 21.66
C ARG A 273 -27.55 10.20 21.50
N LEU A 274 -28.62 10.95 21.28
CA LEU A 274 -28.51 12.40 21.23
C LEU A 274 -28.39 12.93 22.66
N MET A 275 -27.36 13.74 22.92
CA MET A 275 -27.13 14.27 24.27
C MET A 275 -27.71 15.66 24.44
N PHE A 276 -27.46 16.55 23.49
CA PHE A 276 -28.07 17.87 23.53
C PHE A 276 -28.19 18.41 22.13
N HIS A 277 -29.22 19.20 21.90
CA HIS A 277 -29.38 19.91 20.64
C HIS A 277 -30.00 21.27 20.91
N GLY A 278 -29.24 22.33 20.71
CA GLY A 278 -29.71 23.67 20.90
C GLY A 278 -28.57 24.62 20.62
N PRO A 279 -28.82 25.93 20.72
CA PRO A 279 -27.76 26.90 20.45
C PRO A 279 -26.58 26.71 21.38
N ALA A 280 -25.39 27.02 20.86
CA ALA A 280 -24.18 26.81 21.64
C ALA A 280 -24.13 27.73 22.85
N GLN A 281 -24.78 28.89 22.78
CA GLN A 281 -24.73 29.82 23.89
C GLN A 281 -25.55 29.31 25.07
N GLU A 282 -26.58 28.50 24.80
CA GLU A 282 -27.38 27.91 25.85
C GLU A 282 -26.98 26.48 26.20
N ALA A 283 -26.01 25.90 25.49
CA ALA A 283 -25.48 24.62 25.94
C ALA A 283 -24.99 24.74 27.38
N LEU A 284 -24.35 25.86 27.70
CA LEU A 284 -23.85 26.08 29.05
C LEU A 284 -25.01 26.15 30.02
N GLY A 285 -26.08 26.84 29.65
CA GLY A 285 -27.23 26.93 30.52
C GLY A 285 -27.83 25.58 30.80
N TYR A 286 -27.93 24.73 29.79
CA TYR A 286 -28.49 23.40 30.00
C TYR A 286 -27.68 22.64 31.03
N PHE A 287 -26.37 22.56 30.83
CA PHE A 287 -25.56 21.76 31.73
C PHE A 287 -25.48 22.39 33.12
N GLU A 288 -25.45 23.72 33.18
CA GLU A 288 -25.46 24.39 34.48
C GLU A 288 -26.72 24.05 35.25
N SER A 289 -27.88 24.04 34.59
CA SER A 289 -29.10 23.64 35.27
C SER A 289 -29.02 22.19 35.73
N ALA A 290 -28.51 21.31 34.88
CA ALA A 290 -28.46 19.90 35.25
C ALA A 290 -27.25 19.61 36.12
N GLY A 291 -27.07 20.41 37.16
CA GLY A 291 -26.08 20.13 38.18
C GLY A 291 -24.63 20.11 37.72
N TYR A 292 -24.20 21.12 36.97
CA TYR A 292 -22.81 21.27 36.60
C TYR A 292 -22.45 22.76 36.65
N HIS A 293 -21.15 23.05 36.70
CA HIS A 293 -20.70 24.44 36.77
C HIS A 293 -19.54 24.69 35.81
N CYS A 294 -19.64 25.79 35.07
CA CYS A 294 -18.73 26.03 33.96
C CYS A 294 -17.34 26.48 34.42
N GLU A 295 -17.29 27.31 35.47
CA GLU A 295 -16.11 28.13 35.72
C GLU A 295 -14.83 27.32 35.89
N ALA A 296 -14.94 26.08 36.37
CA ALA A 296 -13.74 25.26 36.55
C ALA A 296 -12.99 25.07 35.24
N TYR A 297 -13.71 24.82 34.15
CA TYR A 297 -13.10 24.65 32.83
C TYR A 297 -13.28 25.91 31.99
N ASN A 298 -12.27 26.21 31.17
CA ASN A 298 -12.23 27.47 30.45
C ASN A 298 -12.57 27.34 28.98
N ASN A 299 -12.55 26.13 28.43
CA ASN A 299 -12.96 25.90 27.05
C ASN A 299 -14.20 25.02 27.13
N PRO A 300 -15.38 25.58 26.91
CA PRO A 300 -16.62 24.83 27.05
C PRO A 300 -16.58 23.45 26.45
N ALA A 301 -15.94 23.30 25.28
CA ALA A 301 -15.94 22.02 24.60
C ALA A 301 -15.35 20.93 25.48
N ASP A 302 -14.29 21.27 26.22
CA ASP A 302 -13.70 20.27 27.11
C ASP A 302 -14.60 20.00 28.30
N PHE A 303 -15.34 21.00 28.78
CA PHE A 303 -16.29 20.73 29.84
C PHE A 303 -17.35 19.75 29.37
N PHE A 304 -17.85 19.94 28.16
CA PHE A 304 -18.87 19.04 27.63
C PHE A 304 -18.33 17.63 27.52
N LEU A 305 -17.19 17.47 26.86
CA LEU A 305 -16.67 16.14 26.59
C LEU A 305 -16.18 15.44 27.85
N ASP A 306 -15.75 16.20 28.86
CA ASP A 306 -15.37 15.58 30.12
C ASP A 306 -16.60 15.08 30.87
N ILE A 307 -17.71 15.81 30.80
CA ILE A 307 -18.95 15.37 31.42
C ILE A 307 -19.33 13.98 30.91
N ILE A 308 -19.18 13.78 29.60
CA ILE A 308 -19.51 12.50 28.99
C ILE A 308 -18.67 11.39 29.56
N ASN A 309 -17.37 11.62 29.73
CA ASN A 309 -16.43 10.59 30.11
C ASN A 309 -16.25 10.47 31.62
N GLY A 310 -17.19 10.99 32.41
CA GLY A 310 -17.09 10.90 33.85
C GLY A 310 -16.27 11.99 34.50
N ASP A 311 -15.96 13.07 33.79
CA ASP A 311 -15.25 14.20 34.38
C ASP A 311 -16.07 15.48 34.25
N LYS A 336 -25.34 0.75 36.13
CA LYS A 336 -25.45 2.21 36.11
C LYS A 336 -24.52 2.84 35.08
N PRO A 337 -24.95 2.85 33.82
CA PRO A 337 -24.19 3.57 32.79
C PRO A 337 -24.63 5.03 32.71
N LEU A 338 -23.65 5.89 32.48
CA LEU A 338 -23.92 7.33 32.48
C LEU A 338 -24.58 7.78 31.18
N ILE A 339 -24.15 7.21 30.06
CA ILE A 339 -24.60 7.67 28.75
C ILE A 339 -26.13 7.63 28.66
N GLU A 340 -26.72 6.52 29.08
CA GLU A 340 -28.18 6.42 29.04
C GLU A 340 -28.83 7.42 29.99
N LYS A 341 -28.20 7.67 31.14
CA LYS A 341 -28.75 8.64 32.06
C LYS A 341 -28.82 10.02 31.43
N LEU A 342 -27.75 10.40 30.73
CA LEU A 342 -27.77 11.69 30.02
C LEU A 342 -28.84 11.70 28.94
N ALA A 343 -28.99 10.60 28.21
CA ALA A 343 -29.98 10.56 27.14
C ALA A 343 -31.38 10.75 27.69
N GLU A 344 -31.72 9.98 28.73
CA GLU A 344 -33.05 10.07 29.31
C GLU A 344 -33.27 11.40 30.02
N ILE A 345 -32.21 12.06 30.46
CA ILE A 345 -32.37 13.40 30.99
C ILE A 345 -32.69 14.37 29.86
N TYR A 346 -32.01 14.25 28.72
CA TYR A 346 -32.30 15.15 27.63
C TYR A 346 -33.73 14.99 27.14
N VAL A 347 -34.20 13.76 26.99
CA VAL A 347 -35.54 13.55 26.46
C VAL A 347 -36.60 14.16 27.37
N ASN A 348 -36.21 14.50 28.61
CA ASN A 348 -37.11 15.16 29.54
C ASN A 348 -36.97 16.68 29.50
N SER A 349 -36.15 17.21 28.62
CA SER A 349 -35.84 18.63 28.61
C SER A 349 -36.73 19.39 27.64
N SER A 350 -36.85 20.70 27.89
CA SER A 350 -37.72 21.55 27.08
C SER A 350 -37.28 21.56 25.62
N PHE A 351 -35.97 21.54 25.38
CA PHE A 351 -35.48 21.50 24.01
C PHE A 351 -36.09 20.33 23.25
N TYR A 352 -36.22 19.18 23.91
CA TYR A 352 -36.84 18.03 23.24
C TYR A 352 -38.26 18.36 22.81
N LYS A 353 -39.02 19.02 23.69
CA LYS A 353 -40.39 19.35 23.35
C LYS A 353 -40.45 20.30 22.17
N GLU A 354 -39.58 21.31 22.16
CA GLU A 354 -39.57 22.23 21.02
C GLU A 354 -39.22 21.50 19.74
N THR A 355 -38.27 20.58 19.83
CA THR A 355 -37.90 19.78 18.66
C THR A 355 -39.10 19.01 18.13
N LYS A 356 -39.78 18.27 19.01
CA LYS A 356 -40.95 17.50 18.58
C LYS A 356 -42.02 18.41 17.99
N ALA A 357 -42.26 19.54 18.65
CA ALA A 357 -43.35 20.42 18.22
C ALA A 357 -43.10 20.96 16.82
N GLU A 358 -41.92 21.54 16.60
CA GLU A 358 -41.66 22.08 15.27
C GLU A 358 -41.57 20.98 14.22
N LEU A 359 -41.03 19.82 14.60
CA LEU A 359 -40.91 18.73 13.64
C LEU A 359 -42.27 18.26 13.16
N HIS A 360 -43.24 18.11 14.07
CA HIS A 360 -44.58 17.75 13.62
C HIS A 360 -45.29 18.92 12.98
N GLN A 361 -44.88 20.16 13.26
CA GLN A 361 -45.44 21.27 12.51
C GLN A 361 -45.03 21.23 11.05
N LEU A 362 -43.78 20.85 10.77
CA LEU A 362 -43.28 20.91 9.39
C LEU A 362 -44.05 19.98 8.46
N SER A 363 -44.34 18.78 8.91
CA SER A 363 -45.06 17.83 8.08
C SER A 363 -46.56 18.05 8.17
N ILE A 377 -31.18 10.05 -11.06
CA ILE A 377 -30.57 11.34 -10.76
C ILE A 377 -30.22 12.05 -12.06
N SER A 378 -30.36 13.37 -12.05
CA SER A 378 -30.03 14.18 -13.22
C SER A 378 -28.64 14.77 -13.03
N TYR A 379 -27.80 14.61 -14.04
CA TYR A 379 -26.45 15.14 -14.04
C TYR A 379 -26.39 16.43 -14.84
N THR A 380 -25.32 17.19 -14.62
CA THR A 380 -25.25 18.55 -15.14
C THR A 380 -24.79 18.59 -16.60
N THR A 381 -23.68 17.94 -16.92
CA THR A 381 -23.06 18.09 -18.23
C THR A 381 -23.27 16.83 -19.07
N SER A 382 -23.08 17.00 -20.38
CA SER A 382 -23.43 15.95 -21.33
C SER A 382 -22.48 14.77 -21.20
N PHE A 383 -22.76 13.72 -21.97
CA PHE A 383 -21.92 12.51 -21.91
C PHE A 383 -20.54 12.79 -22.49
N CYS A 384 -20.50 13.42 -23.67
CA CYS A 384 -19.23 13.67 -24.32
C CYS A 384 -18.28 14.41 -23.39
N HIS A 385 -18.80 15.35 -22.61
CA HIS A 385 -17.95 16.16 -21.76
C HIS A 385 -17.40 15.34 -20.59
N GLN A 386 -18.26 14.54 -19.96
CA GLN A 386 -17.78 13.67 -18.89
C GLN A 386 -16.70 12.74 -19.41
N LEU A 387 -16.93 12.17 -20.59
CA LEU A 387 -15.95 11.29 -21.20
C LEU A 387 -14.63 12.01 -21.41
N ARG A 388 -14.68 13.20 -22.02
CA ARG A 388 -13.48 13.96 -22.29
C ARG A 388 -12.68 14.17 -21.03
N TRP A 389 -13.34 14.66 -19.98
CA TRP A 389 -12.57 15.08 -18.81
C TRP A 389 -12.03 13.91 -18.01
N VAL A 390 -12.79 12.82 -17.92
CA VAL A 390 -12.23 11.67 -17.21
C VAL A 390 -11.05 11.10 -17.97
N SER A 391 -11.16 11.02 -19.31
CA SER A 391 -10.05 10.51 -20.10
C SER A 391 -8.82 11.39 -19.93
N LYS A 392 -8.99 12.71 -19.95
CA LYS A 392 -7.85 13.60 -19.79
C LYS A 392 -7.20 13.43 -18.43
N ARG A 393 -8.01 13.31 -17.37
CA ARG A 393 -7.42 13.14 -16.06
C ARG A 393 -6.63 11.84 -15.98
N SER A 394 -7.13 10.77 -16.57
CA SER A 394 -6.37 9.53 -16.50
C SER A 394 -5.13 9.58 -17.41
N PHE A 395 -5.20 10.34 -18.51
CA PHE A 395 -3.99 10.62 -19.27
C PHE A 395 -2.93 11.23 -18.37
N LYS A 396 -3.29 12.28 -17.64
CA LYS A 396 -2.34 12.94 -16.75
C LYS A 396 -1.81 11.97 -15.72
N ASN A 397 -2.70 11.13 -15.17
CA ASN A 397 -2.25 10.18 -14.17
C ASN A 397 -1.24 9.19 -14.75
N LEU A 398 -1.51 8.70 -15.95
CA LEU A 398 -0.59 7.73 -16.56
C LEU A 398 0.76 8.36 -16.82
N LEU A 399 0.78 9.53 -17.46
CA LEU A 399 2.04 10.18 -17.72
C LEU A 399 2.78 10.45 -16.42
N GLY A 400 2.04 10.80 -15.35
CA GLY A 400 2.66 11.06 -14.08
C GLY A 400 3.14 9.83 -13.36
N ASN A 401 2.62 8.66 -13.69
CA ASN A 401 3.03 7.44 -13.03
C ASN A 401 3.92 6.64 -13.97
N PRO A 402 5.20 6.47 -13.67
CA PRO A 402 6.10 5.83 -14.64
C PRO A 402 6.10 4.31 -14.57
N GLN A 403 5.85 3.75 -13.39
CA GLN A 403 6.08 2.33 -13.17
C GLN A 403 5.09 1.44 -13.91
N ALA A 404 4.04 2.02 -14.49
CA ALA A 404 3.12 1.27 -15.33
C ALA A 404 3.09 1.76 -16.76
N SER A 405 3.67 2.92 -17.07
CA SER A 405 3.65 3.45 -18.42
C SER A 405 5.03 3.45 -19.06
N ILE A 406 6.01 4.08 -18.42
CA ILE A 406 7.33 4.13 -19.03
C ILE A 406 8.09 2.83 -18.77
N ALA A 407 7.94 2.27 -17.57
CA ALA A 407 8.65 1.04 -17.27
C ALA A 407 8.26 -0.07 -18.24
N GLN A 408 6.97 -0.17 -18.55
CA GLN A 408 6.53 -1.22 -19.45
C GLN A 408 7.11 -1.03 -20.84
N ILE A 409 7.09 0.19 -21.37
CA ILE A 409 7.63 0.42 -22.70
C ILE A 409 9.12 0.11 -22.74
N ILE A 410 9.84 0.51 -21.69
CA ILE A 410 11.28 0.30 -21.69
C ILE A 410 11.61 -1.19 -21.61
N VAL A 411 10.96 -1.92 -20.70
CA VAL A 411 11.26 -3.34 -20.61
C VAL A 411 10.84 -4.03 -21.90
N THR A 412 9.78 -3.55 -22.55
CA THR A 412 9.39 -4.15 -23.81
C THR A 412 10.47 -3.95 -24.87
N VAL A 413 11.03 -2.74 -24.96
CA VAL A 413 12.08 -2.50 -25.95
C VAL A 413 13.28 -3.38 -25.65
N VAL A 414 13.67 -3.46 -24.38
CA VAL A 414 14.84 -4.25 -24.03
C VAL A 414 14.62 -5.73 -24.35
N LEU A 415 13.44 -6.25 -24.04
CA LEU A 415 13.16 -7.64 -24.36
C LEU A 415 13.14 -7.86 -25.86
N GLY A 416 12.59 -6.92 -26.62
CA GLY A 416 12.62 -7.04 -28.05
C GLY A 416 14.05 -7.16 -28.57
N LEU A 417 14.93 -6.30 -28.07
CA LEU A 417 16.33 -6.36 -28.51
C LEU A 417 16.98 -7.67 -28.10
N VAL A 418 16.76 -8.11 -26.87
CA VAL A 418 17.42 -9.32 -26.39
C VAL A 418 16.97 -10.51 -27.22
N ILE A 419 15.67 -10.64 -27.45
CA ILE A 419 15.17 -11.76 -28.24
C ILE A 419 15.69 -11.67 -29.66
N GLY A 420 15.74 -10.47 -30.22
CA GLY A 420 16.34 -10.33 -31.54
C GLY A 420 17.77 -10.81 -31.58
N ALA A 421 18.48 -10.69 -30.46
CA ALA A 421 19.87 -11.12 -30.44
C ALA A 421 19.99 -12.63 -30.23
N ILE A 422 19.16 -13.20 -29.36
CA ILE A 422 19.34 -14.59 -28.97
C ILE A 422 19.10 -15.52 -30.15
N TYR A 423 17.94 -15.38 -30.80
CA TYR A 423 17.57 -16.30 -31.86
C TYR A 423 17.97 -15.81 -33.23
N PHE A 424 18.97 -14.93 -33.31
CA PHE A 424 19.18 -14.17 -34.53
C PHE A 424 19.34 -15.08 -35.73
N GLY A 425 18.63 -14.76 -36.80
CA GLY A 425 18.68 -15.53 -38.02
C GLY A 425 18.43 -17.01 -37.83
N LEU A 426 17.19 -17.39 -37.51
CA LEU A 426 16.85 -18.79 -37.33
C LEU A 426 17.18 -19.58 -38.58
N LYS A 427 17.49 -20.86 -38.39
CA LYS A 427 17.84 -21.74 -39.49
C LYS A 427 16.74 -22.76 -39.71
N ASN A 428 16.43 -23.03 -40.97
CA ASN A 428 15.52 -24.11 -41.33
C ASN A 428 16.27 -25.42 -41.19
N ASP A 429 16.41 -25.86 -39.94
CA ASP A 429 17.27 -26.98 -39.63
C ASP A 429 16.73 -27.70 -38.40
N SER A 430 17.44 -28.75 -37.98
CA SER A 430 16.97 -29.62 -36.90
C SER A 430 16.60 -28.87 -35.64
N THR A 431 17.00 -27.61 -35.54
CA THR A 431 16.69 -26.80 -34.37
C THR A 431 15.56 -25.82 -34.62
N GLY A 432 15.26 -25.52 -35.87
CA GLY A 432 14.31 -24.47 -36.18
C GLY A 432 12.96 -24.67 -35.53
N ILE A 433 12.53 -25.92 -35.36
CA ILE A 433 11.21 -26.16 -34.80
C ILE A 433 11.16 -25.74 -33.35
N GLN A 434 12.15 -26.19 -32.56
CA GLN A 434 12.18 -25.79 -31.16
C GLN A 434 12.35 -24.29 -31.02
N ASN A 435 13.22 -23.70 -31.84
CA ASN A 435 13.44 -22.26 -31.75
C ASN A 435 12.15 -21.50 -32.03
N ARG A 436 11.47 -21.84 -33.12
CA ARG A 436 10.28 -21.10 -33.49
C ARG A 436 9.17 -21.26 -32.47
N ALA A 437 8.97 -22.49 -31.97
CA ALA A 437 7.93 -22.65 -30.97
C ALA A 437 8.27 -21.87 -29.72
N GLY A 438 9.54 -21.84 -29.32
CA GLY A 438 9.89 -21.09 -28.14
C GLY A 438 9.66 -19.61 -28.29
N VAL A 439 10.06 -19.05 -29.44
CA VAL A 439 9.87 -17.61 -29.63
C VAL A 439 8.40 -17.26 -29.58
N LEU A 440 7.58 -17.99 -30.33
CA LEU A 440 6.17 -17.64 -30.39
C LEU A 440 5.51 -17.78 -29.03
N PHE A 441 5.84 -18.85 -28.29
CA PHE A 441 5.26 -19.01 -26.97
C PHE A 441 5.66 -17.89 -26.05
N PHE A 442 6.92 -17.47 -26.09
CA PHE A 442 7.30 -16.41 -25.17
C PHE A 442 6.62 -15.10 -25.52
N LEU A 443 6.55 -14.75 -26.80
CA LEU A 443 5.86 -13.51 -27.16
C LEU A 443 4.43 -13.54 -26.66
N THR A 444 3.72 -14.63 -26.91
CA THR A 444 2.33 -14.72 -26.49
C THR A 444 2.21 -14.59 -24.98
N THR A 445 2.97 -15.40 -24.24
CA THR A 445 2.76 -15.39 -22.81
C THR A 445 3.23 -14.10 -22.17
N ASN A 446 4.17 -13.40 -22.78
CA ASN A 446 4.55 -12.09 -22.24
C ASN A 446 3.45 -11.07 -22.50
N GLN A 447 2.84 -11.12 -23.67
CA GLN A 447 1.71 -10.24 -23.92
C GLN A 447 0.59 -10.50 -22.93
N CYS A 448 0.39 -11.76 -22.54
CA CYS A 448 -0.67 -12.06 -21.59
C CYS A 448 -0.35 -11.53 -20.21
N PHE A 449 0.86 -11.78 -19.71
CA PHE A 449 1.14 -11.50 -18.31
C PHE A 449 1.39 -10.04 -18.02
N SER A 450 1.52 -9.19 -19.04
CA SER A 450 1.83 -7.79 -18.78
C SER A 450 0.62 -7.04 -18.23
N SER A 451 -0.58 -7.49 -18.55
CA SER A 451 -1.78 -6.68 -18.28
C SER A 451 -2.06 -6.48 -16.80
N VAL A 452 -1.39 -7.23 -15.92
CA VAL A 452 -1.71 -7.16 -14.50
C VAL A 452 -1.37 -5.80 -13.92
N SER A 453 -0.27 -5.19 -14.37
CA SER A 453 0.14 -3.92 -13.80
C SER A 453 -0.93 -2.85 -13.97
N ALA A 454 -1.44 -2.69 -15.19
CA ALA A 454 -2.39 -1.64 -15.45
C ALA A 454 -3.69 -1.88 -14.70
N VAL A 455 -4.11 -3.14 -14.59
CA VAL A 455 -5.34 -3.39 -13.86
C VAL A 455 -5.15 -3.14 -12.37
N GLU A 456 -3.92 -3.30 -11.85
CA GLU A 456 -3.69 -2.86 -10.48
C GLU A 456 -3.89 -1.37 -10.35
N LEU A 457 -3.34 -0.61 -11.31
CA LEU A 457 -3.52 0.83 -11.27
C LEU A 457 -4.98 1.22 -11.40
N PHE A 458 -5.77 0.41 -12.08
CA PHE A 458 -7.21 0.67 -12.16
C PHE A 458 -7.91 0.31 -10.86
N VAL A 459 -7.50 -0.79 -10.22
CA VAL A 459 -8.18 -1.22 -8.99
C VAL A 459 -8.00 -0.19 -7.90
N VAL A 460 -6.79 0.35 -7.74
CA VAL A 460 -6.56 1.28 -6.66
C VAL A 460 -7.42 2.53 -6.75
N GLU A 461 -8.18 2.70 -7.82
CA GLU A 461 -9.08 3.84 -7.97
C GLU A 461 -10.47 3.56 -7.43
N LYS A 462 -10.68 2.43 -6.75
CA LYS A 462 -12.02 2.01 -6.42
C LYS A 462 -12.72 3.01 -5.51
N LYS A 463 -12.09 3.33 -4.38
CA LYS A 463 -12.74 4.22 -3.41
C LYS A 463 -12.90 5.62 -3.99
N LEU A 464 -11.90 6.08 -4.73
CA LEU A 464 -12.01 7.38 -5.37
C LEU A 464 -13.20 7.41 -6.32
N PHE A 465 -13.36 6.36 -7.11
CA PHE A 465 -14.48 6.30 -8.03
C PHE A 465 -15.80 6.29 -7.28
N ILE A 466 -15.88 5.52 -6.20
CA ILE A 466 -17.14 5.45 -5.44
C ILE A 466 -17.50 6.83 -4.92
N HIS A 467 -16.54 7.50 -4.28
CA HIS A 467 -16.81 8.83 -3.72
C HIS A 467 -17.20 9.80 -4.80
N GLU A 468 -16.55 9.72 -5.96
CA GLU A 468 -16.90 10.65 -7.02
C GLU A 468 -18.27 10.32 -7.60
N TYR A 469 -18.68 9.06 -7.55
CA TYR A 469 -19.98 8.77 -8.12
C TYR A 469 -21.10 9.22 -7.19
N ILE A 470 -21.06 8.78 -5.93
CA ILE A 470 -22.14 9.13 -5.01
C ILE A 470 -22.25 10.63 -4.85
N SER A 471 -21.19 11.36 -5.16
CA SER A 471 -21.25 12.82 -5.12
C SER A 471 -21.85 13.41 -6.38
N GLY A 472 -22.21 12.59 -7.36
CA GLY A 472 -22.92 13.08 -8.52
C GLY A 472 -22.06 13.73 -9.57
N TYR A 473 -20.89 13.19 -9.84
CA TYR A 473 -20.04 13.72 -10.91
C TYR A 473 -20.57 13.33 -12.28
N TYR A 474 -20.63 12.04 -12.56
CA TYR A 474 -20.86 11.53 -13.91
C TYR A 474 -21.68 10.25 -13.82
N ARG A 475 -21.96 9.67 -14.98
CA ARG A 475 -22.58 8.36 -15.04
C ARG A 475 -21.50 7.28 -14.96
N VAL A 476 -21.93 6.06 -14.68
CA VAL A 476 -20.96 4.96 -14.61
C VAL A 476 -20.39 4.66 -15.98
N SER A 477 -21.25 4.65 -17.00
CA SER A 477 -20.77 4.36 -18.35
C SER A 477 -19.69 5.33 -18.78
N SER A 478 -19.83 6.60 -18.38
CA SER A 478 -18.82 7.59 -18.73
C SER A 478 -17.49 7.27 -18.09
N TYR A 479 -17.48 6.96 -16.80
CA TYR A 479 -16.23 6.59 -16.15
C TYR A 479 -15.61 5.39 -16.82
N PHE A 480 -16.43 4.42 -17.20
CA PHE A 480 -15.90 3.21 -17.80
C PHE A 480 -15.23 3.50 -19.13
N LEU A 481 -15.95 4.15 -20.05
CA LEU A 481 -15.36 4.41 -21.35
C LEU A 481 -14.17 5.34 -21.24
N GLY A 482 -14.19 6.25 -20.27
CA GLY A 482 -13.03 7.11 -20.06
C GLY A 482 -11.80 6.32 -19.66
N LYS A 483 -11.96 5.40 -18.70
CA LYS A 483 -10.81 4.60 -18.31
C LYS A 483 -10.33 3.75 -19.47
N LEU A 484 -11.26 3.26 -20.30
CA LEU A 484 -10.85 2.48 -21.46
C LEU A 484 -9.97 3.29 -22.39
N LEU A 485 -10.49 4.41 -22.90
CA LEU A 485 -9.72 5.24 -23.81
C LEU A 485 -8.48 5.81 -23.17
N SER A 486 -8.41 5.81 -21.84
CA SER A 486 -7.21 6.33 -21.19
C SER A 486 -6.11 5.29 -21.17
N ASP A 487 -6.37 4.14 -20.57
CA ASP A 487 -5.31 3.15 -20.43
C ASP A 487 -5.41 2.01 -21.43
N LEU A 488 -6.57 1.37 -21.52
CA LEU A 488 -6.62 0.12 -22.27
C LEU A 488 -6.32 0.33 -23.75
N LEU A 489 -6.64 1.49 -24.29
CA LEU A 489 -6.42 1.62 -25.71
C LEU A 489 -4.95 1.83 -26.06
N PRO A 490 -4.29 2.91 -25.61
CA PRO A 490 -2.94 3.18 -26.12
C PRO A 490 -1.85 2.29 -25.54
N MET A 491 -1.87 2.13 -24.22
CA MET A 491 -0.77 1.48 -23.53
C MET A 491 -0.71 -0.01 -23.80
N ARG A 492 -1.74 -0.58 -24.41
CA ARG A 492 -1.71 -1.97 -24.82
C ARG A 492 -1.59 -2.15 -26.32
N MET A 493 -2.04 -1.16 -27.10
CA MET A 493 -1.82 -1.22 -28.53
C MET A 493 -0.36 -1.00 -28.88
N LEU A 494 0.39 -0.30 -28.02
CA LEU A 494 1.76 0.07 -28.38
C LEU A 494 2.74 -1.10 -28.35
N PRO A 495 2.86 -1.87 -27.25
CA PRO A 495 3.95 -2.85 -27.19
C PRO A 495 3.95 -3.88 -28.31
N SER A 496 2.78 -4.23 -28.82
CA SER A 496 2.74 -5.19 -29.91
C SER A 496 3.48 -4.68 -31.14
N ILE A 497 3.28 -3.41 -31.47
CA ILE A 497 4.00 -2.84 -32.60
C ILE A 497 5.50 -2.89 -32.36
N ILE A 498 5.93 -2.55 -31.13
CA ILE A 498 7.35 -2.60 -30.82
C ILE A 498 7.90 -3.99 -31.06
N PHE A 499 7.24 -4.99 -30.48
CA PHE A 499 7.72 -6.37 -30.57
C PHE A 499 7.81 -6.85 -32.00
N THR A 500 6.76 -6.68 -32.78
CA THR A 500 6.84 -7.15 -34.16
C THR A 500 7.91 -6.38 -34.93
N CYS A 501 7.92 -5.04 -34.80
CA CYS A 501 8.84 -4.29 -35.65
C CYS A 501 10.29 -4.64 -35.40
N ILE A 502 10.61 -5.10 -34.20
CA ILE A 502 11.99 -5.49 -33.93
C ILE A 502 12.21 -6.98 -34.21
N VAL A 503 11.52 -7.82 -33.46
CA VAL A 503 11.76 -9.26 -33.50
C VAL A 503 11.56 -9.79 -34.90
N TYR A 504 10.48 -9.40 -35.57
CA TYR A 504 10.09 -10.10 -36.77
C TYR A 504 11.21 -10.12 -37.79
N PHE A 505 11.78 -8.96 -38.08
CA PHE A 505 12.84 -9.01 -39.05
C PHE A 505 14.18 -9.42 -38.46
N MET A 506 14.36 -9.31 -37.13
CA MET A 506 15.65 -9.77 -36.62
C MET A 506 15.77 -11.29 -36.64
N LEU A 507 14.67 -12.01 -36.42
CA LEU A 507 14.69 -13.46 -36.27
C LEU A 507 14.38 -14.21 -37.55
N GLY A 508 14.17 -13.52 -38.66
CA GLY A 508 13.97 -14.22 -39.91
C GLY A 508 12.75 -15.11 -39.96
N LEU A 509 11.60 -14.60 -39.51
CA LEU A 509 10.35 -15.34 -39.59
C LEU A 509 9.84 -15.26 -41.02
N LYS A 510 8.57 -15.62 -41.24
CA LYS A 510 8.05 -15.66 -42.60
C LYS A 510 8.27 -14.31 -43.29
N PRO A 511 8.96 -14.27 -44.43
CA PRO A 511 9.47 -13.01 -44.95
C PRO A 511 8.49 -12.17 -45.77
N LYS A 512 7.21 -12.52 -45.81
CA LYS A 512 6.28 -11.68 -46.54
C LYS A 512 5.62 -10.66 -45.61
N ALA A 513 4.86 -9.75 -46.20
CA ALA A 513 4.27 -8.65 -45.44
C ALA A 513 3.01 -9.07 -44.71
N ASP A 514 2.16 -9.84 -45.39
CA ASP A 514 0.92 -10.27 -44.78
C ASP A 514 1.18 -10.98 -43.46
N ALA A 515 2.21 -11.82 -43.41
CA ALA A 515 2.55 -12.47 -42.15
C ALA A 515 2.97 -11.47 -41.10
N PHE A 516 3.70 -10.43 -41.51
CA PHE A 516 4.09 -9.40 -40.55
C PHE A 516 2.87 -8.78 -39.92
N PHE A 517 1.93 -8.33 -40.74
CA PHE A 517 0.78 -7.63 -40.17
C PHE A 517 -0.12 -8.58 -39.40
N VAL A 518 -0.22 -9.84 -39.81
CA VAL A 518 -1.02 -10.79 -39.06
C VAL A 518 -0.41 -11.02 -37.69
N MET A 519 0.91 -11.12 -37.60
CA MET A 519 1.53 -11.22 -36.29
C MET A 519 1.23 -9.99 -35.44
N MET A 520 1.33 -8.81 -36.04
CA MET A 520 1.06 -7.59 -35.31
C MET A 520 -0.37 -7.58 -34.77
N PHE A 521 -1.33 -7.86 -35.64
CA PHE A 521 -2.73 -7.84 -35.25
C PHE A 521 -3.01 -8.89 -34.19
N THR A 522 -2.41 -10.07 -34.34
CA THR A 522 -2.66 -11.14 -33.37
C THR A 522 -2.14 -10.77 -32.00
N LEU A 523 -0.95 -10.17 -31.94
CA LEU A 523 -0.45 -9.75 -30.65
C LEU A 523 -1.33 -8.68 -30.04
N MET A 524 -1.82 -7.75 -30.86
CA MET A 524 -2.77 -6.77 -30.34
C MET A 524 -3.98 -7.47 -29.73
N MET A 525 -4.51 -8.46 -30.43
CA MET A 525 -5.72 -9.12 -29.94
C MET A 525 -5.46 -9.82 -28.63
N VAL A 526 -4.34 -10.52 -28.50
CA VAL A 526 -4.11 -11.23 -27.24
C VAL A 526 -3.90 -10.24 -26.11
N ALA A 527 -3.24 -9.11 -26.39
CA ALA A 527 -3.07 -8.10 -25.35
C ALA A 527 -4.41 -7.60 -24.87
N TYR A 528 -5.29 -7.24 -25.80
CA TYR A 528 -6.59 -6.72 -25.42
C TYR A 528 -7.41 -7.75 -24.66
N SER A 529 -7.38 -9.00 -25.09
CA SER A 529 -8.15 -10.03 -24.39
C SER A 529 -7.63 -10.24 -22.98
N ALA A 530 -6.32 -10.24 -22.80
CA ALA A 530 -5.77 -10.37 -21.46
C ALA A 530 -6.20 -9.21 -20.58
N SER A 531 -6.17 -7.99 -21.13
CA SER A 531 -6.63 -6.84 -20.35
C SER A 531 -8.11 -6.98 -20.00
N SER A 532 -8.93 -7.44 -20.93
CA SER A 532 -10.36 -7.57 -20.66
C SER A 532 -10.59 -8.57 -19.54
N MET A 533 -9.90 -9.70 -19.57
CA MET A 533 -10.08 -10.66 -18.48
C MET A 533 -9.59 -10.08 -17.17
N ALA A 534 -8.49 -9.33 -17.20
CA ALA A 534 -8.01 -8.69 -15.98
C ALA A 534 -9.07 -7.78 -15.40
N LEU A 535 -9.71 -6.97 -16.25
CA LEU A 535 -10.74 -6.07 -15.75
C LEU A 535 -11.91 -6.85 -15.19
N ALA A 536 -12.45 -7.80 -15.96
CA ALA A 536 -13.61 -8.54 -15.51
C ALA A 536 -13.35 -9.30 -14.23
N ILE A 537 -12.09 -9.63 -13.94
CA ILE A 537 -11.79 -10.26 -12.65
C ILE A 537 -11.69 -9.23 -11.55
N ALA A 538 -11.11 -8.07 -11.85
CA ALA A 538 -10.81 -7.09 -10.83
C ALA A 538 -11.60 -5.80 -11.02
N ALA A 539 -12.87 -5.92 -11.35
CA ALA A 539 -13.77 -4.79 -11.40
C ALA A 539 -14.67 -4.88 -10.18
N GLY A 540 -14.38 -4.07 -9.17
CA GLY A 540 -15.16 -4.07 -7.95
C GLY A 540 -14.52 -4.82 -6.82
N GLN A 541 -13.19 -4.84 -6.75
CA GLN A 541 -12.53 -5.51 -5.65
C GLN A 541 -11.77 -4.53 -4.79
N SER A 542 -11.69 -4.83 -3.50
CA SER A 542 -11.09 -3.89 -2.55
C SER A 542 -9.57 -4.00 -2.51
N VAL A 543 -9.05 -5.16 -2.18
CA VAL A 543 -7.62 -5.33 -1.93
C VAL A 543 -6.94 -5.68 -3.24
N VAL A 544 -5.74 -5.12 -3.45
CA VAL A 544 -5.03 -5.37 -4.69
C VAL A 544 -4.22 -6.65 -4.67
N SER A 545 -3.88 -7.16 -3.49
CA SER A 545 -3.08 -8.38 -3.43
C SER A 545 -3.88 -9.61 -3.80
N VAL A 546 -5.15 -9.66 -3.37
CA VAL A 546 -5.99 -10.79 -3.74
C VAL A 546 -6.35 -10.75 -5.21
N ALA A 547 -6.64 -9.57 -5.74
CA ALA A 547 -6.91 -9.44 -7.16
C ALA A 547 -5.72 -9.93 -7.97
N THR A 548 -4.52 -9.49 -7.61
CA THR A 548 -3.34 -9.93 -8.34
C THR A 548 -3.17 -11.45 -8.24
N LEU A 549 -3.38 -12.01 -7.05
CA LEU A 549 -3.19 -13.44 -6.87
C LEU A 549 -4.16 -14.23 -7.74
N LEU A 550 -5.44 -13.87 -7.70
CA LEU A 550 -6.43 -14.57 -8.51
C LEU A 550 -6.11 -14.44 -9.99
N MET A 551 -5.72 -13.25 -10.42
CA MET A 551 -5.44 -13.04 -11.83
C MET A 551 -4.27 -13.90 -12.29
N THR A 552 -3.20 -13.95 -11.50
CA THR A 552 -2.06 -14.76 -11.90
C THR A 552 -2.41 -16.23 -11.91
N ILE A 553 -3.23 -16.69 -10.97
CA ILE A 553 -3.63 -18.09 -10.98
C ILE A 553 -4.38 -18.41 -12.26
N CYS A 554 -5.33 -17.55 -12.63
CA CYS A 554 -6.09 -17.81 -13.85
C CYS A 554 -5.18 -17.81 -15.07
N PHE A 555 -4.24 -16.87 -15.15
CA PHE A 555 -3.37 -16.81 -16.31
C PHE A 555 -2.47 -18.03 -16.39
N VAL A 556 -1.97 -18.51 -15.26
CA VAL A 556 -1.15 -19.71 -15.26
C VAL A 556 -1.95 -20.89 -15.76
N PHE A 557 -3.18 -21.04 -15.25
CA PHE A 557 -4.01 -22.14 -15.72
C PHE A 557 -4.27 -22.05 -17.21
N MET A 558 -4.43 -20.84 -17.73
CA MET A 558 -4.67 -20.72 -19.17
C MET A 558 -3.44 -21.10 -19.97
N MET A 559 -2.26 -20.62 -19.56
CA MET A 559 -1.07 -20.89 -20.35
C MET A 559 -0.63 -22.35 -20.26
N ILE A 560 -1.03 -23.07 -19.21
CA ILE A 560 -0.70 -24.49 -19.18
C ILE A 560 -1.28 -25.20 -20.39
N PHE A 561 -2.40 -24.71 -20.91
CA PHE A 561 -3.07 -25.33 -22.05
C PHE A 561 -2.62 -24.75 -23.38
N SER A 562 -1.49 -24.05 -23.40
CA SER A 562 -1.14 -23.30 -24.60
C SER A 562 -0.88 -24.21 -25.78
N GLY A 563 -0.24 -25.35 -25.55
CA GLY A 563 0.08 -26.28 -26.62
C GLY A 563 1.55 -26.61 -26.67
N LEU A 564 2.41 -25.72 -26.17
CA LEU A 564 3.82 -26.06 -26.08
C LEU A 564 4.09 -26.99 -24.92
N LEU A 565 3.46 -26.74 -23.77
CA LEU A 565 3.81 -27.50 -22.58
C LEU A 565 3.24 -28.91 -22.61
N VAL A 566 2.05 -29.09 -23.19
CA VAL A 566 1.47 -30.42 -23.32
C VAL A 566 0.90 -30.57 -24.72
N ASN A 567 1.10 -31.72 -25.33
CA ASN A 567 0.53 -31.97 -26.64
C ASN A 567 -0.96 -32.22 -26.48
N LEU A 568 -1.77 -31.32 -27.04
CA LEU A 568 -3.17 -31.21 -26.66
C LEU A 568 -3.99 -32.44 -27.03
N THR A 569 -3.46 -33.35 -27.82
CA THR A 569 -4.24 -34.52 -28.19
C THR A 569 -4.12 -35.67 -27.20
N THR A 570 -3.28 -35.56 -26.18
CA THR A 570 -3.20 -36.60 -25.16
C THR A 570 -3.93 -36.24 -23.88
N ILE A 571 -4.40 -35.00 -23.75
CA ILE A 571 -5.28 -34.68 -22.65
C ILE A 571 -6.54 -35.52 -22.76
N ALA A 572 -7.01 -36.02 -21.62
CA ALA A 572 -8.12 -36.95 -21.62
C ALA A 572 -9.35 -36.32 -22.26
N SER A 573 -10.31 -37.18 -22.60
CA SER A 573 -11.51 -36.71 -23.28
C SER A 573 -12.28 -35.72 -22.43
N TRP A 574 -12.40 -35.99 -21.14
CA TRP A 574 -13.24 -35.22 -20.24
C TRP A 574 -12.55 -33.99 -19.68
N LEU A 575 -11.38 -33.64 -20.20
CA LEU A 575 -10.72 -32.40 -19.84
C LEU A 575 -10.32 -31.56 -21.03
N SER A 576 -10.44 -32.08 -22.24
CA SER A 576 -10.10 -31.31 -23.42
C SER A 576 -10.96 -30.07 -23.56
N TRP A 577 -12.20 -30.12 -23.08
CA TRP A 577 -13.10 -28.99 -23.28
C TRP A 577 -12.56 -27.71 -22.67
N LEU A 578 -11.69 -27.82 -21.67
CA LEU A 578 -11.09 -26.64 -21.07
C LEU A 578 -10.11 -25.95 -22.00
N GLN A 579 -9.71 -26.60 -23.09
CA GLN A 579 -8.79 -25.97 -24.02
C GLN A 579 -9.42 -24.76 -24.68
N TYR A 580 -10.74 -24.70 -24.78
CA TYR A 580 -11.38 -23.56 -25.42
C TYR A 580 -11.42 -22.33 -24.55
N PHE A 581 -11.02 -22.43 -23.29
CA PHE A 581 -11.07 -21.32 -22.36
C PHE A 581 -9.72 -20.64 -22.19
N SER A 582 -8.74 -20.94 -23.03
CA SER A 582 -7.40 -20.41 -22.87
C SER A 582 -7.14 -19.35 -23.93
N ILE A 583 -6.90 -18.12 -23.50
CA ILE A 583 -6.44 -17.09 -24.41
C ILE A 583 -5.09 -17.45 -25.03
N PRO A 584 -4.07 -17.86 -24.27
CA PRO A 584 -2.81 -18.22 -24.90
C PRO A 584 -2.97 -19.29 -25.94
N ARG A 585 -3.91 -20.21 -25.76
CA ARG A 585 -4.10 -21.23 -26.78
C ARG A 585 -4.45 -20.60 -28.11
N TYR A 586 -5.42 -19.70 -28.13
CA TYR A 586 -5.82 -19.08 -29.38
C TYR A 586 -4.69 -18.26 -29.97
N GLY A 587 -4.03 -17.45 -29.13
CA GLY A 587 -2.96 -16.62 -29.65
C GLY A 587 -1.83 -17.43 -30.23
N PHE A 588 -1.36 -18.42 -29.48
CA PHE A 588 -0.23 -19.23 -29.91
C PHE A 588 -0.60 -20.04 -31.15
N THR A 589 -1.82 -20.54 -31.21
CA THR A 589 -2.25 -21.29 -32.39
C THR A 589 -2.24 -20.41 -33.62
N ALA A 590 -2.79 -19.21 -33.49
CA ALA A 590 -2.80 -18.31 -34.64
C ALA A 590 -1.39 -17.96 -35.06
N LEU A 591 -0.50 -17.75 -34.10
CA LEU A 591 0.87 -17.42 -34.46
C LEU A 591 1.55 -18.56 -35.18
N GLN A 592 1.39 -19.78 -34.69
CA GLN A 592 2.04 -20.90 -35.36
C GLN A 592 1.47 -21.14 -36.74
N HIS A 593 0.18 -20.88 -36.93
CA HIS A 593 -0.45 -21.31 -38.17
C HIS A 593 0.07 -20.53 -39.37
N ASN A 594 0.36 -19.25 -39.20
CA ASN A 594 0.86 -18.48 -40.32
C ASN A 594 2.37 -18.55 -40.46
N GLU A 595 3.05 -19.20 -39.52
CA GLU A 595 4.50 -19.31 -39.55
C GLU A 595 4.95 -20.65 -40.10
N PHE A 596 4.50 -21.75 -39.48
CA PHE A 596 4.97 -23.07 -39.87
C PHE A 596 4.47 -23.50 -41.23
N LEU A 597 3.53 -22.79 -41.84
CA LEU A 597 2.77 -23.36 -42.95
C LEU A 597 3.65 -23.69 -44.14
N GLY A 598 4.44 -22.73 -44.61
CA GLY A 598 5.34 -23.00 -45.71
C GLY A 598 6.77 -23.31 -45.31
N GLN A 599 7.01 -24.42 -44.61
CA GLN A 599 8.34 -24.66 -44.08
C GLN A 599 8.66 -26.14 -44.17
N ASN A 600 9.96 -26.44 -44.12
CA ASN A 600 10.44 -27.83 -44.07
C ASN A 600 11.79 -27.87 -43.41
N PHE A 601 11.92 -28.71 -42.38
CA PHE A 601 13.10 -28.73 -41.51
C PHE A 601 13.91 -30.02 -41.66
N CYS A 602 14.60 -30.14 -42.77
CA CYS A 602 15.35 -31.35 -43.11
C CYS A 602 16.61 -30.95 -43.86
N PRO A 603 17.62 -31.83 -43.91
CA PRO A 603 18.88 -31.43 -44.53
C PRO A 603 18.78 -31.09 -46.00
N GLY A 604 18.39 -32.04 -46.85
CA GLY A 604 18.06 -31.68 -48.21
C GLY A 604 16.68 -32.20 -48.56
N LEU A 605 15.73 -31.28 -48.76
CA LEU A 605 14.33 -31.65 -48.82
C LEU A 605 14.04 -32.59 -49.99
N ASN A 606 14.76 -32.42 -51.11
CA ASN A 606 14.48 -33.20 -52.31
C ASN A 606 14.70 -34.68 -52.05
N ALA A 607 15.81 -35.01 -51.41
CA ALA A 607 16.18 -36.40 -51.18
C ALA A 607 16.40 -36.70 -49.71
N THR A 608 15.66 -36.02 -48.82
CA THR A 608 15.62 -36.44 -47.42
C THR A 608 14.48 -37.41 -47.16
N GLY A 609 13.46 -37.44 -48.01
CA GLY A 609 12.36 -38.38 -47.90
C GLY A 609 12.60 -39.72 -48.56
N ASN A 610 13.73 -39.86 -49.26
CA ASN A 610 14.10 -41.15 -49.82
C ASN A 610 14.25 -42.22 -48.74
N ASN A 611 14.51 -41.80 -47.51
CA ASN A 611 14.47 -42.66 -46.34
C ASN A 611 13.29 -42.21 -45.50
N PRO A 612 12.07 -42.52 -45.91
CA PRO A 612 10.88 -41.91 -45.26
C PRO A 612 10.54 -42.57 -43.93
N CYS A 613 11.36 -42.28 -42.92
CA CYS A 613 11.04 -42.73 -41.58
C CYS A 613 9.97 -41.83 -40.98
N ASN A 614 9.10 -42.42 -40.17
CA ASN A 614 8.13 -41.65 -39.41
C ASN A 614 8.86 -40.97 -38.26
N TYR A 615 8.09 -40.41 -37.32
CA TYR A 615 8.62 -39.57 -36.25
C TYR A 615 9.70 -38.64 -36.77
N ALA A 616 9.39 -38.00 -37.90
CA ALA A 616 10.34 -37.19 -38.64
C ALA A 616 10.07 -35.71 -38.58
N THR A 617 8.80 -35.29 -38.68
CA THR A 617 8.45 -33.88 -38.70
C THR A 617 9.26 -33.12 -39.73
N CYS A 618 9.49 -33.74 -40.88
CA CYS A 618 10.35 -33.14 -41.90
C CYS A 618 9.78 -31.81 -42.39
N THR A 619 8.47 -31.76 -42.64
CA THR A 619 7.83 -30.51 -43.04
C THR A 619 7.15 -29.86 -41.85
N GLY A 620 6.93 -28.56 -41.96
CA GLY A 620 6.27 -27.85 -40.88
C GLY A 620 4.85 -28.34 -40.64
N GLU A 621 4.11 -28.57 -41.71
CA GLU A 621 2.70 -28.93 -41.58
C GLU A 621 2.52 -30.20 -40.78
N GLU A 622 3.45 -31.14 -40.89
CA GLU A 622 3.35 -32.34 -40.07
C GLU A 622 3.46 -31.98 -38.60
N TYR A 623 4.33 -31.04 -38.25
CA TYR A 623 4.37 -30.57 -36.88
C TYR A 623 3.05 -29.91 -36.50
N LEU A 624 2.48 -29.13 -37.40
CA LEU A 624 1.22 -28.47 -37.12
C LEU A 624 0.13 -29.49 -36.85
N VAL A 625 0.11 -30.57 -37.62
CA VAL A 625 -0.91 -31.60 -37.45
C VAL A 625 -0.71 -32.34 -36.14
N LYS A 626 0.52 -32.72 -35.82
CA LYS A 626 0.75 -33.44 -34.57
C LYS A 626 0.29 -32.63 -33.37
N GLN A 627 0.30 -31.31 -33.48
CA GLN A 627 -0.21 -30.48 -32.40
C GLN A 627 -1.72 -30.33 -32.44
N GLY A 628 -2.39 -30.88 -33.44
CA GLY A 628 -3.83 -30.74 -33.51
C GLY A 628 -4.26 -29.33 -33.86
N ILE A 629 -3.96 -28.89 -35.07
CA ILE A 629 -4.36 -27.59 -35.57
C ILE A 629 -4.88 -27.76 -36.99
N ASP A 630 -5.95 -27.06 -37.33
CA ASP A 630 -6.45 -27.14 -38.69
C ASP A 630 -5.55 -26.35 -39.62
N LEU A 631 -5.69 -26.60 -40.92
CA LEU A 631 -4.78 -26.04 -41.90
C LEU A 631 -5.41 -25.03 -42.85
N SER A 632 -6.70 -25.14 -43.13
CA SER A 632 -7.36 -24.15 -43.95
C SER A 632 -7.46 -22.83 -43.18
N PRO A 633 -7.55 -21.69 -43.89
CA PRO A 633 -7.47 -20.39 -43.21
C PRO A 633 -8.45 -20.23 -42.06
N TRP A 634 -9.48 -21.06 -42.06
CA TRP A 634 -10.45 -20.96 -40.98
C TRP A 634 -9.80 -21.18 -39.62
N GLY A 635 -8.72 -21.94 -39.54
CA GLY A 635 -8.03 -22.06 -38.26
C GLY A 635 -7.57 -20.71 -37.73
N LEU A 636 -6.87 -19.96 -38.56
CA LEU A 636 -6.38 -18.65 -38.17
C LEU A 636 -7.53 -17.70 -37.84
N TRP A 637 -8.47 -17.56 -38.76
CA TRP A 637 -9.51 -16.57 -38.51
C TRP A 637 -10.42 -16.97 -37.36
N LYS A 638 -10.63 -18.27 -37.16
CA LYS A 638 -11.42 -18.73 -36.03
C LYS A 638 -10.73 -18.36 -34.73
N ASN A 639 -9.40 -18.48 -34.68
CA ASN A 639 -8.73 -18.00 -33.47
C ASN A 639 -8.98 -16.51 -33.27
N HIS A 640 -8.91 -15.73 -34.33
CA HIS A 640 -9.15 -14.30 -34.18
C HIS A 640 -10.55 -14.01 -33.64
N VAL A 641 -11.57 -14.67 -34.18
CA VAL A 641 -12.93 -14.37 -33.73
C VAL A 641 -13.17 -14.85 -32.31
N ALA A 642 -12.55 -15.97 -31.92
CA ALA A 642 -12.65 -16.38 -30.53
C ALA A 642 -12.09 -15.30 -29.61
N LEU A 643 -10.94 -14.73 -29.98
CA LEU A 643 -10.38 -13.67 -29.17
C LEU A 643 -11.30 -12.45 -29.11
N ALA A 644 -11.89 -12.06 -30.24
CA ALA A 644 -12.78 -10.91 -30.22
C ALA A 644 -13.98 -11.14 -29.31
N CYS A 645 -14.59 -12.33 -29.40
CA CYS A 645 -15.73 -12.62 -28.53
C CYS A 645 -15.32 -12.58 -27.07
N MET A 646 -14.14 -13.08 -26.75
CA MET A 646 -13.70 -13.02 -25.36
C MET A 646 -13.57 -11.57 -24.91
N ILE A 647 -13.05 -10.71 -25.78
CA ILE A 647 -12.92 -9.29 -25.40
C ILE A 647 -14.28 -8.72 -25.06
N VAL A 648 -15.25 -8.90 -25.94
CA VAL A 648 -16.55 -8.26 -25.72
C VAL A 648 -17.22 -8.82 -24.47
N ILE A 649 -17.18 -10.13 -24.29
CA ILE A 649 -17.84 -10.73 -23.14
C ILE A 649 -17.23 -10.20 -21.85
N PHE A 650 -15.90 -10.17 -21.78
CA PHE A 650 -15.29 -9.76 -20.54
C PHE A 650 -15.52 -8.28 -20.26
N LEU A 651 -15.54 -7.44 -21.29
CA LEU A 651 -15.83 -6.03 -21.04
C LEU A 651 -17.24 -5.84 -20.51
N THR A 652 -18.22 -6.54 -21.09
CA THR A 652 -19.57 -6.39 -20.56
C THR A 652 -19.67 -6.92 -19.14
N ILE A 653 -18.97 -8.00 -18.83
CA ILE A 653 -19.00 -8.51 -17.47
C ILE A 653 -18.42 -7.49 -16.50
N ALA A 654 -17.32 -6.85 -16.88
CA ALA A 654 -16.74 -5.84 -16.01
C ALA A 654 -17.71 -4.68 -15.81
N TYR A 655 -18.37 -4.25 -16.87
CA TYR A 655 -19.31 -3.15 -16.73
C TYR A 655 -20.45 -3.52 -15.81
N LEU A 656 -20.93 -4.75 -15.88
CA LEU A 656 -22.02 -5.15 -14.98
C LEU A 656 -21.54 -5.22 -13.55
N LYS A 657 -20.34 -5.76 -13.31
CA LYS A 657 -19.83 -5.77 -11.95
C LYS A 657 -19.70 -4.37 -11.40
N LEU A 658 -19.39 -3.40 -12.26
CA LEU A 658 -19.36 -2.01 -11.78
C LEU A 658 -20.75 -1.49 -11.52
N LEU A 659 -21.67 -1.67 -12.45
CA LEU A 659 -22.98 -1.02 -12.36
C LEU A 659 -23.73 -1.48 -11.12
N PHE A 660 -23.75 -2.77 -10.87
CA PHE A 660 -24.49 -3.29 -9.73
C PHE A 660 -23.72 -3.21 -8.42
N LEU A 661 -22.51 -2.67 -8.43
CA LEU A 661 -21.74 -2.58 -7.21
C LEU A 661 -22.45 -1.69 -6.20
N LYS A 662 -22.34 -2.04 -4.93
CA LYS A 662 -23.03 -1.32 -3.86
C LYS A 662 -22.31 0.01 -3.65
N LYS A 663 -22.62 0.97 -4.50
CA LYS A 663 -21.92 2.25 -4.54
C LYS A 663 -22.47 3.14 -3.43
N TYR A 664 -22.05 2.84 -2.21
CA TYR A 664 -22.44 3.62 -1.05
C TYR A 664 -21.25 3.83 -0.11
N GLY B 44 18.35 14.16 38.25
CA GLY B 44 18.36 13.16 37.19
C GLY B 44 19.20 13.57 36.00
N ALA B 45 18.87 13.03 34.83
CA ALA B 45 19.59 13.41 33.63
C ALA B 45 19.39 14.88 33.32
N VAL B 46 20.46 15.56 32.94
CA VAL B 46 20.40 16.96 32.55
C VAL B 46 20.99 17.06 31.16
N LEU B 47 20.16 16.88 30.14
CA LEU B 47 20.66 17.06 28.80
C LEU B 47 20.92 18.54 28.56
N SER B 48 21.90 18.83 27.71
CA SER B 48 22.18 20.20 27.34
C SER B 48 22.84 20.21 25.99
N PHE B 49 22.66 21.29 25.25
CA PHE B 49 23.21 21.38 23.91
C PHE B 49 23.69 22.81 23.67
N HIS B 50 24.38 23.00 22.55
CA HIS B 50 25.06 24.26 22.32
C HIS B 50 25.32 24.36 20.82
N ASN B 51 24.70 25.35 20.17
CA ASN B 51 24.94 25.59 18.76
C ASN B 51 24.53 24.41 17.90
N ILE B 52 23.36 23.85 18.15
CA ILE B 52 22.83 22.80 17.30
C ILE B 52 22.44 23.37 15.94
N CYS B 53 22.82 22.69 14.87
CA CYS B 53 22.37 23.04 13.53
C CYS B 53 22.23 21.75 12.75
N TYR B 54 21.53 21.80 11.62
CA TYR B 54 21.36 20.60 10.82
C TYR B 54 21.21 20.96 9.35
N ARG B 55 21.47 19.98 8.49
CA ARG B 55 21.33 20.13 7.06
C ARG B 55 20.80 18.83 6.48
N VAL B 56 20.00 18.95 5.41
CA VAL B 56 19.37 17.80 4.78
C VAL B 56 19.58 17.90 3.29
N LYS B 57 20.00 16.80 2.67
CA LYS B 57 20.23 16.75 1.23
C LYS B 57 18.91 16.53 0.53
N LEU B 58 18.49 17.51 -0.27
CA LEU B 58 17.21 17.45 -0.97
C LEU B 58 17.18 16.29 -1.97
N PRO B 68 23.52 16.49 -3.55
CA PRO B 68 24.20 17.71 -4.01
C PRO B 68 23.40 18.97 -3.70
N VAL B 69 22.13 18.82 -3.36
CA VAL B 69 21.25 19.93 -3.04
C VAL B 69 20.90 19.84 -1.58
N GLU B 70 21.08 20.95 -0.86
CA GLU B 70 21.06 20.94 0.59
C GLU B 70 20.21 22.09 1.13
N LYS B 71 19.70 21.89 2.34
CA LYS B 71 18.84 22.83 3.02
C LYS B 71 19.28 22.90 4.48
N GLU B 72 18.69 23.82 5.25
CA GLU B 72 18.92 23.84 6.69
C GLU B 72 17.60 23.71 7.43
N ILE B 73 17.51 22.69 8.29
CA ILE B 73 16.43 22.50 9.23
C ILE B 73 17.07 22.66 10.61
N LEU B 74 16.46 23.46 11.51
CA LEU B 74 17.03 23.67 12.84
C LEU B 74 18.31 24.50 12.80
N SER B 75 18.17 25.81 13.08
CA SER B 75 19.17 26.77 12.64
C SER B 75 20.27 27.01 13.66
N ASN B 76 20.03 26.84 14.96
CA ASN B 76 20.94 27.40 15.95
C ASN B 76 20.23 27.49 17.28
N ILE B 77 19.78 26.33 17.75
CA ILE B 77 19.04 26.18 18.99
C ILE B 77 20.04 26.07 20.12
N ASN B 78 19.85 26.83 21.19
CA ASN B 78 20.77 26.80 22.32
C ASN B 78 19.98 26.70 23.62
N GLY B 79 20.10 25.57 24.32
CA GLY B 79 19.20 25.39 25.44
C GLY B 79 19.57 24.23 26.35
N ILE B 80 18.85 24.17 27.47
CA ILE B 80 19.07 23.19 28.51
C ILE B 80 17.75 22.51 28.83
N MET B 81 17.80 21.21 29.08
CA MET B 81 16.69 20.49 29.68
C MET B 81 17.04 20.09 31.10
N LYS B 82 16.06 19.59 31.83
CA LYS B 82 16.23 19.31 33.24
C LYS B 82 15.30 18.17 33.62
N PRO B 83 15.56 17.48 34.73
CA PRO B 83 14.62 16.46 35.17
C PRO B 83 13.30 17.07 35.60
N GLY B 84 12.21 16.44 35.18
CA GLY B 84 10.91 17.05 35.32
C GLY B 84 10.09 16.83 34.08
N LEU B 85 9.44 17.88 33.57
CA LEU B 85 8.61 17.76 32.38
C LEU B 85 8.96 18.88 31.41
N ASN B 86 9.80 18.57 30.42
CA ASN B 86 10.18 19.53 29.41
C ASN B 86 9.33 19.37 28.16
N ALA B 87 9.29 20.41 27.32
CA ALA B 87 8.35 20.39 26.22
C ALA B 87 8.90 21.14 25.01
N ILE B 88 8.32 20.84 23.85
CA ILE B 88 8.65 21.55 22.60
C ILE B 88 7.34 21.85 21.91
N LEU B 89 7.00 23.12 21.79
CA LEU B 89 5.69 23.49 21.28
C LEU B 89 5.83 24.56 20.19
N GLY B 90 5.47 24.20 18.96
CA GLY B 90 5.64 25.09 17.84
C GLY B 90 4.86 24.68 16.61
N PRO B 91 4.82 25.57 15.63
CA PRO B 91 3.99 25.31 14.45
C PRO B 91 4.39 24.04 13.72
N THR B 92 3.39 23.38 13.14
CA THR B 92 3.61 22.12 12.45
C THR B 92 4.64 22.25 11.34
N GLY B 93 5.55 21.28 11.28
CA GLY B 93 6.61 21.33 10.28
C GLY B 93 7.51 22.52 10.44
N GLY B 94 7.68 23.02 11.66
CA GLY B 94 8.58 24.10 11.92
C GLY B 94 9.88 23.68 12.53
N GLY B 95 10.06 22.38 12.80
CA GLY B 95 11.26 21.91 13.46
C GLY B 95 11.03 21.23 14.79
N LYS B 96 9.94 20.48 14.92
CA LYS B 96 9.65 19.88 16.24
C LYS B 96 10.13 18.42 16.29
N SER B 97 9.79 17.59 15.28
CA SER B 97 10.32 16.23 15.27
C SER B 97 11.81 16.23 14.97
N SER B 98 12.26 17.14 14.13
CA SER B 98 13.68 17.18 13.76
C SER B 98 14.56 17.38 14.98
N LEU B 99 14.25 18.39 15.79
CA LEU B 99 15.05 18.63 16.98
C LEU B 99 15.01 17.45 17.92
N LEU B 100 13.84 16.85 18.08
CA LEU B 100 13.74 15.72 18.99
C LEU B 100 14.61 14.56 18.52
N ASP B 101 14.60 14.28 17.22
CA ASP B 101 15.48 13.24 16.69
C ASP B 101 16.94 13.58 16.96
N VAL B 102 17.32 14.82 16.65
CA VAL B 102 18.72 15.22 16.83
C VAL B 102 19.13 15.02 18.28
N LEU B 103 18.28 15.38 19.23
CA LEU B 103 18.62 15.15 20.61
C LEU B 103 18.66 13.67 20.96
N ALA B 104 17.94 12.84 20.21
CA ALA B 104 17.85 11.43 20.52
C ALA B 104 18.95 10.61 19.85
N ALA B 105 19.91 11.27 19.19
CA ALA B 105 20.94 10.59 18.44
C ALA B 105 20.33 9.65 17.41
N ARG B 106 19.49 10.21 16.54
CA ARG B 106 18.78 9.41 15.55
C ARG B 106 18.90 10.00 14.16
N LYS B 107 19.84 10.90 13.94
CA LYS B 107 20.08 11.44 12.62
C LYS B 107 21.57 11.34 12.32
N ASP B 108 21.89 11.22 11.04
CA ASP B 108 23.27 11.00 10.64
C ASP B 108 24.13 12.15 11.13
N PRO B 109 25.23 11.87 11.83
CA PRO B 109 26.04 12.97 12.36
C PRO B 109 26.82 13.71 11.29
N SER B 110 26.26 13.85 10.10
CA SER B 110 26.81 14.73 9.07
C SER B 110 26.03 16.03 8.96
N GLY B 111 25.49 16.51 10.07
CA GLY B 111 24.67 17.70 10.04
C GLY B 111 24.59 18.39 11.39
N LEU B 112 24.62 17.61 12.46
CA LEU B 112 24.69 18.18 13.79
C LEU B 112 26.01 18.91 13.98
N SER B 113 26.20 20.04 13.31
CA SER B 113 27.23 20.94 13.75
C SER B 113 26.93 21.41 15.18
N GLY B 114 27.61 20.85 16.18
CA GLY B 114 27.34 21.21 17.59
C GLY B 114 27.55 20.01 18.50
N ASP B 115 26.70 19.82 19.53
CA ASP B 115 26.95 18.80 20.55
C ASP B 115 25.74 18.55 21.42
N VAL B 116 25.88 17.58 22.33
CA VAL B 116 24.92 17.19 23.37
C VAL B 116 25.71 16.63 24.52
N LEU B 117 25.38 17.05 25.73
CA LEU B 117 26.20 16.71 26.90
C LEU B 117 25.27 16.28 28.03
N ILE B 118 25.24 14.99 28.30
CA ILE B 118 24.44 14.46 29.41
C ILE B 118 25.20 14.73 30.69
N ASN B 119 24.66 15.59 31.55
CA ASN B 119 25.27 15.93 32.83
C ASN B 119 26.70 16.42 32.64
N GLY B 120 26.95 17.06 31.52
CA GLY B 120 28.29 17.55 31.19
C GLY B 120 29.13 16.59 30.38
N ALA B 121 29.29 15.37 30.87
CA ALA B 121 30.04 14.36 30.12
C ALA B 121 29.31 14.05 28.81
N PRO B 122 30.05 13.70 27.77
CA PRO B 122 29.41 13.44 26.48
C PRO B 122 28.51 12.21 26.56
N ARG B 123 27.78 12.00 25.47
CA ARG B 123 26.74 10.98 25.45
C ARG B 123 27.31 9.62 25.84
N PRO B 124 26.81 8.99 26.90
CA PRO B 124 27.36 7.70 27.30
C PRO B 124 27.02 6.65 26.27
N ALA B 125 27.79 5.56 26.26
CA ALA B 125 27.63 4.56 25.22
C ALA B 125 26.31 3.81 25.32
N ASN B 126 25.75 3.70 26.52
CA ASN B 126 24.47 3.05 26.72
C ASN B 126 23.30 4.00 26.58
N PHE B 127 23.50 5.14 25.91
CA PHE B 127 22.43 6.13 25.83
C PHE B 127 21.20 5.55 25.14
N LYS B 128 21.39 4.84 24.05
CA LYS B 128 20.24 4.21 23.41
C LYS B 128 19.71 3.04 24.23
N CYS B 129 20.45 2.58 25.24
CA CYS B 129 19.93 1.57 26.13
C CYS B 129 19.05 2.17 27.22
N ASN B 130 19.34 3.40 27.64
CA ASN B 130 18.68 4.00 28.80
C ASN B 130 17.57 4.97 28.44
N SER B 131 17.15 5.03 27.19
CA SER B 131 16.12 5.97 26.80
C SER B 131 15.13 5.32 25.86
N GLY B 132 13.88 5.76 25.94
CA GLY B 132 12.84 5.30 25.05
C GLY B 132 12.42 6.43 24.12
N TYR B 133 12.08 6.07 22.89
CA TYR B 133 11.70 7.05 21.89
C TYR B 133 10.36 6.63 21.30
N VAL B 134 9.33 7.42 21.55
CA VAL B 134 8.00 7.14 21.04
C VAL B 134 7.87 7.81 19.68
N VAL B 135 7.88 7.00 18.62
CA VAL B 135 7.88 7.52 17.25
C VAL B 135 6.58 8.23 16.96
N GLN B 136 6.54 8.97 15.85
CA GLN B 136 5.37 9.76 15.50
C GLN B 136 4.37 9.02 14.62
N ASP B 137 4.72 7.85 14.08
CA ASP B 137 3.87 7.24 13.06
C ASP B 137 3.59 5.76 13.31
N ASP B 138 3.50 5.33 14.57
CA ASP B 138 2.88 4.05 14.91
C ASP B 138 3.54 2.88 14.17
N VAL B 139 4.74 2.56 14.64
CA VAL B 139 5.53 1.49 14.03
C VAL B 139 5.22 0.17 14.74
N VAL B 140 4.04 0.06 15.27
CA VAL B 140 3.62 -1.16 15.95
C VAL B 140 3.19 -2.18 14.91
N MET B 141 3.52 -3.46 15.17
CA MET B 141 3.27 -4.52 14.20
C MET B 141 1.79 -4.85 14.18
N GLY B 142 1.18 -4.77 13.00
CA GLY B 142 -0.27 -4.80 12.90
C GLY B 142 -0.91 -6.15 13.17
N THR B 143 -0.18 -7.24 12.98
CA THR B 143 -0.79 -8.55 13.02
C THR B 143 -0.66 -9.25 14.37
N LEU B 144 -0.15 -8.57 15.38
CA LEU B 144 -0.08 -9.15 16.71
C LEU B 144 -1.14 -8.54 17.61
N THR B 145 -1.29 -9.13 18.79
CA THR B 145 -2.12 -8.55 19.82
C THR B 145 -1.31 -7.52 20.59
N VAL B 146 -2.01 -6.69 21.35
CA VAL B 146 -1.33 -5.67 22.13
C VAL B 146 -0.42 -6.32 23.16
N ARG B 147 -0.94 -7.28 23.90
CA ARG B 147 -0.14 -7.88 24.96
C ARG B 147 1.08 -8.58 24.39
N GLU B 148 0.98 -9.15 23.21
CA GLU B 148 2.15 -9.80 22.62
C GLU B 148 3.21 -8.79 22.19
N ASN B 149 2.80 -7.63 21.67
CA ASN B 149 3.76 -6.58 21.37
C ASN B 149 4.51 -6.17 22.63
N LEU B 150 3.76 -5.95 23.71
CA LEU B 150 4.43 -5.54 24.94
C LEU B 150 5.32 -6.65 25.49
N GLN B 151 4.91 -7.90 25.36
CA GLN B 151 5.78 -9.00 25.73
C GLN B 151 7.07 -8.95 24.92
N PHE B 152 6.95 -8.65 23.63
CA PHE B 152 8.12 -8.61 22.76
C PHE B 152 9.11 -7.56 23.25
N SER B 153 8.63 -6.34 23.47
CA SER B 153 9.52 -5.28 23.93
C SER B 153 10.13 -5.64 25.27
N ALA B 154 9.34 -6.19 26.19
CA ALA B 154 9.86 -6.52 27.51
C ALA B 154 10.89 -7.63 27.43
N ALA B 155 10.70 -8.56 26.52
CA ALA B 155 11.61 -9.69 26.43
C ALA B 155 12.94 -9.28 25.80
N LEU B 156 12.90 -8.35 24.85
CA LEU B 156 14.16 -7.98 24.22
C LEU B 156 14.92 -6.88 24.96
N ARG B 157 14.24 -5.81 25.38
CA ARG B 157 14.91 -4.61 25.87
C ARG B 157 15.09 -4.57 27.38
N LEU B 158 14.66 -5.59 28.11
CA LEU B 158 14.88 -5.61 29.55
C LEU B 158 15.95 -6.65 29.89
N ALA B 159 16.23 -6.78 31.18
CA ALA B 159 17.27 -7.68 31.65
C ALA B 159 16.90 -9.13 31.38
N THR B 160 17.79 -10.05 31.74
CA THR B 160 17.54 -11.47 31.57
C THR B 160 17.05 -12.15 32.85
N THR B 161 17.64 -11.82 33.99
CA THR B 161 17.31 -12.52 35.23
C THR B 161 15.91 -12.20 35.74
N MET B 162 15.24 -11.20 35.19
CA MET B 162 13.90 -10.85 35.62
C MET B 162 12.94 -11.98 35.26
N THR B 163 12.32 -12.57 36.26
CA THR B 163 11.38 -13.66 36.04
C THR B 163 10.22 -13.18 35.17
N ASN B 164 9.79 -14.06 34.25
CA ASN B 164 8.75 -13.68 33.32
C ASN B 164 7.47 -13.24 34.03
N HIS B 165 7.22 -13.79 35.21
CA HIS B 165 6.06 -13.36 36.00
C HIS B 165 6.09 -11.86 36.27
N GLU B 166 7.25 -11.35 36.67
CA GLU B 166 7.35 -9.91 36.95
C GLU B 166 7.21 -9.09 35.68
N LYS B 167 7.71 -9.59 34.56
CA LYS B 167 7.50 -8.88 33.31
C LYS B 167 6.03 -8.78 32.98
N ASN B 168 5.28 -9.87 33.16
CA ASN B 168 3.84 -9.80 32.94
C ASN B 168 3.17 -8.86 33.92
N GLU B 169 3.65 -8.82 35.15
CA GLU B 169 3.12 -7.89 36.13
C GLU B 169 3.28 -6.46 35.65
N ARG B 170 4.49 -6.11 35.19
CA ARG B 170 4.72 -4.78 34.65
C ARG B 170 3.83 -4.52 33.45
N ILE B 171 3.63 -5.54 32.62
CA ILE B 171 2.78 -5.36 31.44
C ILE B 171 1.36 -5.03 31.84
N ASN B 172 0.82 -5.74 32.84
CA ASN B 172 -0.52 -5.44 33.31
C ASN B 172 -0.58 -4.04 33.89
N ARG B 173 0.46 -3.64 34.63
CA ARG B 173 0.52 -2.30 35.19
C ARG B 173 0.42 -1.25 34.09
N VAL B 174 1.22 -1.42 33.04
CA VAL B 174 1.18 -0.47 31.92
C VAL B 174 -0.17 -0.52 31.23
N ILE B 175 -0.75 -1.71 31.12
CA ILE B 175 -2.02 -1.88 30.42
C ILE B 175 -3.11 -1.10 31.13
N GLN B 176 -3.17 -1.21 32.45
CA GLN B 176 -4.12 -0.41 33.21
C GLN B 176 -3.83 1.06 33.05
N GLU B 177 -2.56 1.47 33.28
CA GLU B 177 -2.25 2.88 33.36
C GLU B 177 -2.52 3.61 32.05
N LEU B 178 -2.33 2.94 30.92
CA LEU B 178 -2.52 3.60 29.64
C LEU B 178 -3.95 3.57 29.15
N GLY B 179 -4.86 2.93 29.87
CA GLY B 179 -6.20 2.78 29.37
C GLY B 179 -6.25 1.88 28.14
N LEU B 180 -5.91 0.60 28.34
CA LEU B 180 -5.94 -0.37 27.25
C LEU B 180 -6.48 -1.72 27.69
N ASP B 181 -7.12 -1.82 28.85
CA ASP B 181 -7.45 -3.13 29.40
C ASP B 181 -8.42 -3.89 28.51
N LYS B 182 -9.37 -3.18 27.90
CA LYS B 182 -10.36 -3.87 27.07
C LYS B 182 -9.73 -4.49 25.83
N VAL B 183 -8.84 -3.76 25.16
CA VAL B 183 -8.25 -4.24 23.91
C VAL B 183 -6.91 -4.90 24.21
N ALA B 184 -6.73 -5.32 25.46
CA ALA B 184 -5.44 -5.86 25.89
C ALA B 184 -5.01 -7.04 25.03
N ASP B 185 -5.97 -7.87 24.62
CA ASP B 185 -5.64 -9.03 23.79
C ASP B 185 -6.34 -8.99 22.43
N SER B 186 -6.83 -7.83 22.03
CA SER B 186 -7.44 -7.70 20.72
C SER B 186 -6.35 -7.73 19.64
N LYS B 187 -6.74 -7.56 18.39
CA LYS B 187 -5.80 -7.57 17.27
C LYS B 187 -5.63 -6.16 16.74
N VAL B 188 -4.38 -5.75 16.55
CA VAL B 188 -4.05 -4.45 16.01
C VAL B 188 -4.42 -4.45 14.54
N GLY B 189 -4.37 -3.28 13.90
CA GLY B 189 -4.96 -3.13 12.58
C GLY B 189 -4.35 -4.06 11.55
N THR B 190 -5.18 -4.47 10.60
CA THR B 190 -4.77 -5.31 9.49
C THR B 190 -5.68 -4.99 8.30
N GLN B 191 -5.19 -5.23 7.08
CA GLN B 191 -6.07 -4.99 5.90
C GLN B 191 -7.22 -6.00 5.96
N PHE B 192 -6.91 -7.28 6.11
CA PHE B 192 -7.97 -8.32 6.13
C PHE B 192 -8.88 -8.15 7.35
N ILE B 193 -8.30 -7.88 8.51
CA ILE B 193 -9.11 -7.77 9.76
C ILE B 193 -9.08 -6.31 10.23
N ARG B 194 -10.23 -5.66 10.29
CA ARG B 194 -10.31 -4.25 10.76
C ARG B 194 -9.81 -4.27 12.20
N GLY B 195 -9.10 -3.23 12.63
CA GLY B 195 -8.48 -3.34 13.95
C GLY B 195 -8.75 -2.19 14.90
N VAL B 196 -8.11 -2.23 16.07
CA VAL B 196 -8.34 -1.19 17.10
C VAL B 196 -7.99 0.18 16.53
N SER B 197 -8.66 1.24 16.99
CA SER B 197 -8.47 2.61 16.44
C SER B 197 -7.14 3.23 16.88
N GLY B 198 -6.76 4.36 16.30
CA GLY B 198 -5.44 4.94 16.59
C GLY B 198 -5.26 5.20 18.06
N GLY B 199 -6.29 5.68 18.75
CA GLY B 199 -6.19 5.85 20.21
C GLY B 199 -5.55 4.65 20.87
N GLU B 200 -6.11 3.45 20.67
CA GLU B 200 -5.55 2.23 21.25
C GLU B 200 -4.18 1.91 20.64
N ARG B 201 -4.03 2.14 19.34
CA ARG B 201 -2.76 1.86 18.69
C ARG B 201 -1.65 2.79 19.22
N LYS B 202 -1.96 4.08 19.35
CA LYS B 202 -0.94 5.00 19.85
C LYS B 202 -0.61 4.71 21.30
N ARG B 203 -1.61 4.34 22.09
CA ARG B 203 -1.30 3.94 23.47
C ARG B 203 -0.46 2.68 23.50
N THR B 204 -0.66 1.78 22.54
CA THR B 204 0.23 0.64 22.41
C THR B 204 1.65 1.08 22.12
N SER B 205 1.81 1.99 21.16
CA SER B 205 3.13 2.47 20.78
C SER B 205 3.83 3.10 21.97
N ILE B 206 3.11 3.88 22.76
CA ILE B 206 3.69 4.52 23.93
C ILE B 206 4.04 3.48 25.00
N GLY B 207 3.17 2.49 25.20
CA GLY B 207 3.47 1.47 26.17
C GLY B 207 4.72 0.67 25.81
N MET B 208 4.94 0.46 24.52
CA MET B 208 6.08 -0.34 24.09
C MET B 208 7.39 0.24 24.60
N GLU B 209 7.46 1.57 24.72
CA GLU B 209 8.64 2.20 25.30
C GLU B 209 8.51 2.41 26.80
N LEU B 210 7.29 2.64 27.28
CA LEU B 210 7.08 2.84 28.71
C LEU B 210 7.42 1.60 29.51
N ILE B 211 7.37 0.42 28.90
CA ILE B 211 7.70 -0.81 29.59
C ILE B 211 9.19 -0.95 29.84
N THR B 212 10.00 -0.10 29.24
CA THR B 212 11.44 -0.26 29.33
C THR B 212 12.03 0.25 30.63
N ASP B 213 11.23 0.87 31.49
CA ASP B 213 11.71 1.54 32.69
C ASP B 213 12.89 2.47 32.39
N PRO B 214 12.71 3.43 31.48
CA PRO B 214 13.82 4.28 31.09
C PRO B 214 14.07 5.39 32.10
N SER B 215 15.33 5.79 32.22
CA SER B 215 15.70 6.93 33.04
C SER B 215 15.73 8.22 32.24
N ILE B 216 15.42 8.15 30.96
CA ILE B 216 15.15 9.31 30.12
C ILE B 216 14.01 8.91 29.19
N LEU B 217 13.19 9.87 28.79
CA LEU B 217 12.08 9.52 27.93
C LEU B 217 11.86 10.58 26.88
N PHE B 218 11.51 10.14 25.67
CA PHE B 218 11.25 11.03 24.55
C PHE B 218 9.90 10.68 23.96
N LEU B 219 9.15 11.68 23.54
CA LEU B 219 7.88 11.47 22.87
C LEU B 219 7.70 12.50 21.77
N ASP B 220 7.22 12.05 20.62
CA ASP B 220 6.85 12.95 19.53
C ASP B 220 5.35 12.91 19.34
N GLU B 221 4.68 14.02 19.61
CA GLU B 221 3.23 14.11 19.55
C GLU B 221 2.58 12.93 20.28
N PRO B 222 2.77 12.82 21.59
CA PRO B 222 2.18 11.68 22.31
C PRO B 222 0.68 11.63 22.23
N THR B 223 0.02 12.75 22.00
CA THR B 223 -1.43 12.81 21.89
C THR B 223 -1.81 13.43 20.55
N THR B 224 -1.92 12.59 19.53
CA THR B 224 -2.53 12.98 18.27
C THR B 224 -3.57 11.93 17.93
N GLY B 225 -4.84 12.29 18.07
CA GLY B 225 -5.92 11.34 17.95
C GLY B 225 -6.41 10.76 19.24
N LEU B 226 -5.66 10.89 20.32
CA LEU B 226 -6.15 10.45 21.62
C LEU B 226 -7.35 11.30 22.02
N ASP B 227 -8.34 10.66 22.64
CA ASP B 227 -9.54 11.36 23.03
C ASP B 227 -9.26 12.31 24.19
N SER B 228 -10.06 13.37 24.26
CA SER B 228 -9.74 14.49 25.14
C SER B 228 -9.51 14.04 26.57
N SER B 229 -10.31 13.12 27.06
CA SER B 229 -10.11 12.64 28.42
C SER B 229 -9.21 11.43 28.49
N THR B 230 -8.71 10.92 27.35
CA THR B 230 -7.62 9.96 27.39
C THR B 230 -6.26 10.63 27.20
N ALA B 231 -6.21 11.69 26.40
CA ALA B 231 -5.00 12.51 26.37
C ALA B 231 -4.71 13.07 27.75
N ASN B 232 -5.74 13.54 28.44
CA ASN B 232 -5.55 14.04 29.80
C ASN B 232 -5.06 12.94 30.73
N ALA B 233 -5.59 11.72 30.58
CA ALA B 233 -5.10 10.61 31.39
C ALA B 233 -3.63 10.33 31.11
N VAL B 234 -3.26 10.32 29.83
CA VAL B 234 -1.87 10.08 29.45
C VAL B 234 -0.97 11.12 30.07
N LEU B 235 -1.34 12.40 29.97
CA LEU B 235 -0.45 13.44 30.44
C LEU B 235 -0.40 13.50 31.96
N LEU B 236 -1.50 13.19 32.64
CA LEU B 236 -1.42 13.10 34.10
C LEU B 236 -0.51 11.96 34.51
N LEU B 237 -0.55 10.85 33.78
CA LEU B 237 0.39 9.77 34.02
C LEU B 237 1.82 10.26 33.82
N LEU B 238 2.08 10.97 32.73
CA LEU B 238 3.43 11.43 32.44
C LEU B 238 3.92 12.36 33.53
N LYS B 239 3.09 13.32 33.93
CA LYS B 239 3.50 14.27 34.96
C LYS B 239 3.75 13.56 36.28
N ARG B 240 2.93 12.55 36.60
CA ARG B 240 3.15 11.79 37.81
C ARG B 240 4.48 11.04 37.75
N MET B 241 4.83 10.52 36.58
CA MET B 241 6.10 9.82 36.45
C MET B 241 7.29 10.78 36.45
N SER B 242 7.08 12.02 36.02
CA SER B 242 8.16 12.98 35.87
C SER B 242 8.46 13.70 37.17
N LYS B 243 8.09 13.09 38.29
CA LYS B 243 8.46 13.59 39.60
C LYS B 243 9.35 12.58 40.31
N GLN B 244 9.80 11.56 39.60
CA GLN B 244 10.65 10.54 40.19
C GLN B 244 12.04 10.55 39.58
N GLY B 245 12.34 11.52 38.73
CA GLY B 245 13.64 11.66 38.12
C GLY B 245 13.64 11.53 36.61
N ARG B 246 12.67 10.82 36.05
CA ARG B 246 12.63 10.65 34.61
C ARG B 246 12.55 12.00 33.92
N THR B 247 13.45 12.23 32.97
CA THR B 247 13.49 13.50 32.26
C THR B 247 12.69 13.34 30.97
N ILE B 248 11.47 13.84 30.97
CA ILE B 248 10.57 13.67 29.85
C ILE B 248 10.78 14.81 28.87
N ILE B 249 10.84 14.49 27.58
CA ILE B 249 10.97 15.49 26.53
C ILE B 249 9.96 15.15 25.46
N PHE B 250 9.09 16.10 25.14
CA PHE B 250 8.05 15.77 24.18
C PHE B 250 7.59 17.01 23.45
N SER B 251 7.03 16.79 22.27
CA SER B 251 6.31 17.82 21.54
C SER B 251 4.82 17.69 21.86
N ILE B 252 4.03 18.63 21.37
CA ILE B 252 2.60 18.65 21.66
C ILE B 252 1.91 19.59 20.69
N HIS B 253 0.64 19.33 20.42
CA HIS B 253 -0.18 20.16 19.55
C HIS B 253 -1.39 20.66 20.31
N GLN B 254 -1.46 21.97 20.53
CA GLN B 254 -2.58 22.63 21.19
C GLN B 254 -2.95 21.94 22.49
N PRO B 255 -2.12 22.02 23.53
CA PRO B 255 -2.51 21.47 24.82
C PRO B 255 -3.54 22.33 25.49
N ARG B 256 -4.23 21.75 26.46
CA ARG B 256 -5.22 22.49 27.23
C ARG B 256 -4.53 23.27 28.34
N TYR B 257 -5.16 24.38 28.74
CA TYR B 257 -4.56 25.21 29.77
C TYR B 257 -4.37 24.44 31.07
N SER B 258 -5.22 23.45 31.34
CA SER B 258 -4.98 22.60 32.49
C SER B 258 -3.67 21.86 32.35
N ILE B 259 -3.42 21.30 31.15
CA ILE B 259 -2.15 20.64 30.88
C ILE B 259 -1.00 21.62 30.98
N PHE B 260 -1.19 22.83 30.45
CA PHE B 260 -0.13 23.82 30.38
C PHE B 260 0.50 24.09 31.74
N LYS B 261 -0.27 23.99 32.81
CA LYS B 261 0.29 24.19 34.14
C LYS B 261 1.34 23.14 34.46
N LEU B 262 1.12 21.90 34.03
CA LEU B 262 1.98 20.80 34.44
C LEU B 262 3.42 20.99 34.00
N PHE B 263 3.65 21.76 32.94
CA PHE B 263 4.98 21.87 32.36
C PHE B 263 5.97 22.48 33.34
N ASP B 264 7.24 22.24 33.08
CA ASP B 264 8.31 22.90 33.81
C ASP B 264 9.15 23.78 32.89
N SER B 265 9.62 23.25 31.77
CA SER B 265 10.47 23.98 30.84
C SER B 265 9.82 23.95 29.47
N LEU B 266 9.70 25.12 28.85
CA LEU B 266 9.01 25.25 27.57
C LEU B 266 10.00 25.72 26.51
N THR B 267 9.72 25.36 25.26
CA THR B 267 10.61 25.67 24.16
C THR B 267 9.80 25.85 22.90
N LEU B 268 9.93 27.01 22.27
CA LEU B 268 9.15 27.35 21.08
C LEU B 268 10.06 27.37 19.86
N LEU B 269 9.73 26.57 18.86
CA LEU B 269 10.47 26.52 17.61
C LEU B 269 9.55 26.92 16.48
N ALA B 270 10.04 27.81 15.61
CA ALA B 270 9.28 28.23 14.44
C ALA B 270 10.27 28.56 13.34
N SER B 271 10.28 27.74 12.29
CA SER B 271 11.26 27.88 11.21
C SER B 271 12.67 27.79 11.74
N GLY B 272 12.95 26.69 12.43
CA GLY B 272 14.28 26.43 12.90
C GLY B 272 14.70 27.25 14.10
N ARG B 273 14.56 28.56 14.02
CA ARG B 273 15.08 29.43 15.05
C ARG B 273 14.41 29.16 16.38
N LEU B 274 15.19 29.29 17.45
CA LEU B 274 14.64 29.17 18.79
C LEU B 274 13.92 30.47 19.13
N MET B 275 12.66 30.36 19.54
CA MET B 275 11.86 31.54 19.86
C MET B 275 11.87 31.87 21.35
N PHE B 276 11.67 30.87 22.19
CA PHE B 276 11.77 31.10 23.62
C PHE B 276 12.15 29.79 24.29
N HIS B 277 12.89 29.91 25.39
CA HIS B 277 13.21 28.74 26.22
C HIS B 277 13.25 29.18 27.68
N GLY B 278 12.28 28.73 28.45
CA GLY B 278 12.22 29.02 29.87
C GLY B 278 10.98 28.37 30.43
N PRO B 279 10.76 28.52 31.74
CA PRO B 279 9.59 27.90 32.35
C PRO B 279 8.29 28.38 31.74
N ALA B 280 7.31 27.49 31.70
CA ALA B 280 6.04 27.84 31.07
C ALA B 280 5.31 28.95 31.81
N GLN B 281 5.55 29.07 33.11
CA GLN B 281 4.86 30.10 33.89
C GLN B 281 5.38 31.49 33.56
N GLU B 282 6.63 31.58 33.12
CA GLU B 282 7.21 32.86 32.72
C GLU B 282 7.21 33.08 31.22
N ALA B 283 6.75 32.10 30.43
CA ALA B 283 6.53 32.38 29.02
C ALA B 283 5.60 33.57 28.85
N LEU B 284 4.57 33.63 29.69
CA LEU B 284 3.63 34.74 29.63
C LEU B 284 4.33 36.04 29.96
N GLY B 285 5.17 36.03 30.98
CA GLY B 285 5.90 37.23 31.35
C GLY B 285 6.78 37.72 30.22
N TYR B 286 7.47 36.81 29.54
CA TYR B 286 8.33 37.21 28.44
C TYR B 286 7.52 37.94 27.37
N PHE B 287 6.43 37.33 26.92
CA PHE B 287 5.68 37.92 25.83
C PHE B 287 4.97 39.19 26.28
N GLU B 288 4.50 39.23 27.52
CA GLU B 288 3.88 40.44 28.04
C GLU B 288 4.86 41.60 28.04
N SER B 289 6.11 41.34 28.45
CA SER B 289 7.12 42.40 28.40
C SER B 289 7.36 42.83 26.95
N ALA B 290 7.45 41.88 26.03
CA ALA B 290 7.75 42.24 24.66
C ALA B 290 6.48 42.67 23.92
N GLY B 291 5.75 43.59 24.54
CA GLY B 291 4.61 44.22 23.88
C GLY B 291 3.48 43.31 23.45
N TYR B 292 3.01 42.43 24.34
CA TYR B 292 1.83 41.63 24.09
C TYR B 292 1.02 41.53 25.37
N HIS B 293 -0.25 41.14 25.25
CA HIS B 293 -1.12 41.03 26.42
C HIS B 293 -1.93 39.74 26.38
N CYS B 294 -1.96 39.05 27.52
CA CYS B 294 -2.49 37.69 27.57
C CYS B 294 -4.02 37.67 27.53
N GLU B 295 -4.66 38.62 28.21
CA GLU B 295 -6.06 38.45 28.60
C GLU B 295 -6.99 38.21 27.42
N ALA B 296 -6.65 38.71 26.23
CA ALA B 296 -7.52 38.52 25.08
C ALA B 296 -7.71 37.03 24.77
N TYR B 297 -6.64 36.24 24.85
CA TYR B 297 -6.71 34.81 24.62
C TYR B 297 -6.69 34.05 25.94
N ASN B 298 -7.43 32.94 25.98
CA ASN B 298 -7.64 32.21 27.24
C ASN B 298 -6.83 30.94 27.34
N ASN B 299 -6.28 30.44 26.24
CA ASN B 299 -5.40 29.28 26.27
C ASN B 299 -4.03 29.77 25.81
N PRO B 300 -3.10 29.95 26.73
CA PRO B 300 -1.79 30.51 26.38
C PRO B 300 -1.20 29.94 25.12
N ALA B 301 -1.35 28.63 24.88
CA ALA B 301 -0.73 28.02 23.73
C ALA B 301 -1.18 28.68 22.44
N ASP B 302 -2.47 29.03 22.35
CA ASP B 302 -2.95 29.69 21.17
C ASP B 302 -2.45 31.12 21.07
N PHE B 303 -2.26 31.78 22.21
CA PHE B 303 -1.66 33.11 22.15
C PHE B 303 -0.25 33.04 21.59
N PHE B 304 0.52 32.04 22.04
CA PHE B 304 1.88 31.90 21.54
C PHE B 304 1.89 31.65 20.05
N LEU B 305 1.14 30.65 19.60
CA LEU B 305 1.18 30.26 18.21
C LEU B 305 0.57 31.30 17.29
N ASP B 306 -0.38 32.10 17.78
CA ASP B 306 -0.92 33.18 16.97
C ASP B 306 0.10 34.30 16.81
N ILE B 307 0.89 34.57 17.85
CA ILE B 307 1.93 35.59 17.76
C ILE B 307 2.88 35.26 16.61
N ILE B 308 3.22 33.97 16.48
CA ILE B 308 4.12 33.54 15.43
C ILE B 308 3.54 33.83 14.06
N ASN B 309 2.26 33.55 13.87
CA ASN B 309 1.62 33.62 12.57
C ASN B 309 1.03 34.99 12.26
N GLY B 310 1.44 36.02 12.98
CA GLY B 310 0.93 37.35 12.75
C GLY B 310 -0.36 37.69 13.46
N ASP B 311 -0.76 36.89 14.45
CA ASP B 311 -1.93 37.19 15.26
C ASP B 311 -1.57 37.29 16.73
N LYS B 336 10.81 42.42 5.48
CA LYS B 336 10.45 42.42 6.89
C LYS B 336 9.75 41.13 7.28
N PRO B 337 10.52 40.07 7.54
CA PRO B 337 9.96 38.84 8.08
C PRO B 337 9.89 38.88 9.60
N LEU B 338 8.81 38.33 10.14
CA LEU B 338 8.60 38.38 11.58
C LEU B 338 9.46 37.37 12.33
N ILE B 339 9.63 36.18 11.75
CA ILE B 339 10.30 35.07 12.44
C ILE B 339 11.69 35.49 12.89
N GLU B 340 12.44 36.11 11.99
CA GLU B 340 13.79 36.56 12.34
C GLU B 340 13.74 37.65 13.40
N LYS B 341 12.73 38.51 13.34
CA LYS B 341 12.63 39.56 14.36
C LYS B 341 12.45 38.94 15.73
N LEU B 342 11.59 37.92 15.83
CA LEU B 342 11.42 37.25 17.11
C LEU B 342 12.72 36.58 17.55
N ALA B 343 13.43 35.95 16.61
CA ALA B 343 14.67 35.27 16.98
C ALA B 343 15.70 36.25 17.55
N GLU B 344 15.91 37.36 16.84
CA GLU B 344 16.89 38.34 17.28
C GLU B 344 16.44 39.05 18.54
N ILE B 345 15.12 39.11 18.79
CA ILE B 345 14.67 39.64 20.06
C ILE B 345 15.01 38.66 21.19
N TYR B 346 14.80 37.36 20.96
CA TYR B 346 15.12 36.40 22.00
C TYR B 346 16.59 36.42 22.34
N VAL B 347 17.46 36.46 21.32
CA VAL B 347 18.89 36.40 21.59
C VAL B 347 19.34 37.59 22.41
N ASN B 348 18.51 38.62 22.51
CA ASN B 348 18.81 39.79 23.33
C ASN B 348 18.21 39.68 24.74
N SER B 349 17.57 38.56 25.05
CA SER B 349 16.84 38.43 26.31
C SER B 349 17.70 37.79 27.38
N SER B 350 17.32 38.04 28.64
CA SER B 350 18.08 37.54 29.79
C SER B 350 18.15 36.02 29.79
N PHE B 351 17.07 35.36 29.38
CA PHE B 351 17.08 33.90 29.31
C PHE B 351 18.23 33.41 28.46
N TYR B 352 18.51 34.10 27.35
CA TYR B 352 19.64 33.70 26.52
C TYR B 352 20.94 33.76 27.30
N LYS B 353 21.13 34.82 28.08
CA LYS B 353 22.35 34.94 28.84
C LYS B 353 22.47 33.84 29.88
N GLU B 354 21.38 33.51 30.57
CA GLU B 354 21.44 32.42 31.54
C GLU B 354 21.77 31.11 30.85
N THR B 355 21.19 30.89 29.67
CA THR B 355 21.49 29.69 28.90
C THR B 355 22.97 29.60 28.59
N LYS B 356 23.53 30.67 28.02
CA LYS B 356 24.95 30.66 27.69
C LYS B 356 25.81 30.44 28.93
N ALA B 357 25.46 31.12 30.03
CA ALA B 357 26.28 31.06 31.23
C ALA B 357 26.32 29.64 31.78
N GLU B 358 25.17 29.03 31.99
CA GLU B 358 25.18 27.67 32.55
C GLU B 358 25.78 26.68 31.56
N LEU B 359 25.56 26.88 30.26
CA LEU B 359 26.11 25.96 29.27
C LEU B 359 27.63 25.97 29.29
N HIS B 360 28.24 27.14 29.37
CA HIS B 360 29.69 27.16 29.47
C HIS B 360 30.16 26.77 30.87
N GLN B 361 29.32 26.88 31.88
CA GLN B 361 29.69 26.33 33.18
C GLN B 361 29.82 24.82 33.14
N LEU B 362 28.90 24.14 32.43
CA LEU B 362 28.87 22.68 32.45
C LEU B 362 30.15 22.07 31.88
N SER B 363 30.65 22.62 30.79
CA SER B 363 31.86 22.09 30.19
C SER B 363 33.10 22.67 30.85
N ILE B 377 28.05 -0.39 20.20
CA ILE B 377 27.00 -0.32 21.21
C ILE B 377 26.88 -1.68 21.90
N SER B 378 26.58 -1.66 23.19
CA SER B 378 26.38 -2.89 23.95
C SER B 378 24.89 -3.18 24.07
N TYR B 379 24.52 -4.41 23.74
CA TYR B 379 23.14 -4.86 23.83
C TYR B 379 22.94 -5.67 25.10
N THR B 380 21.67 -5.82 25.48
CA THR B 380 21.33 -6.36 26.79
C THR B 380 21.39 -7.89 26.81
N THR B 381 20.69 -8.55 25.88
CA THR B 381 20.51 -9.99 25.94
C THR B 381 21.36 -10.68 24.89
N SER B 382 21.56 -11.99 25.10
CA SER B 382 22.50 -12.76 24.31
C SER B 382 22.00 -12.92 22.88
N PHE B 383 22.84 -13.54 22.03
CA PHE B 383 22.46 -13.73 20.64
C PHE B 383 21.32 -14.74 20.53
N CYS B 384 21.45 -15.86 21.21
CA CYS B 384 20.44 -16.91 21.11
C CYS B 384 19.06 -16.37 21.43
N HIS B 385 18.98 -15.48 22.42
CA HIS B 385 17.69 -14.97 22.84
C HIS B 385 17.09 -14.02 21.81
N GLN B 386 17.91 -13.13 21.26
CA GLN B 386 17.43 -12.26 20.19
C GLN B 386 16.92 -13.08 19.02
N LEU B 387 17.68 -14.12 18.66
CA LEU B 387 17.28 -15.00 17.57
C LEU B 387 15.94 -15.65 17.87
N ARG B 388 15.81 -16.22 19.07
CA ARG B 388 14.58 -16.89 19.44
C ARG B 388 13.38 -15.97 19.28
N TRP B 389 13.48 -14.77 19.84
CA TRP B 389 12.29 -13.93 19.92
C TRP B 389 11.94 -13.33 18.56
N VAL B 390 12.93 -12.96 17.75
CA VAL B 390 12.58 -12.46 16.43
C VAL B 390 11.95 -13.56 15.59
N SER B 391 12.50 -14.78 15.67
CA SER B 391 11.92 -15.88 14.92
C SER B 391 10.49 -16.15 15.35
N LYS B 392 10.23 -16.14 16.66
CA LYS B 392 8.87 -16.38 17.13
C LYS B 392 7.91 -15.30 16.65
N ARG B 393 8.34 -14.04 16.69
CA ARG B 393 7.44 -12.98 16.24
C ARG B 393 7.13 -13.14 14.75
N SER B 394 8.12 -13.52 13.96
CA SER B 394 7.80 -13.69 12.53
C SER B 394 6.98 -14.95 12.28
N PHE B 395 7.14 -15.98 13.12
CA PHE B 395 6.20 -17.10 13.08
C PHE B 395 4.78 -16.61 13.24
N LYS B 396 4.55 -15.83 14.30
CA LYS B 396 3.20 -15.32 14.55
C LYS B 396 2.71 -14.49 13.38
N ASN B 397 3.59 -13.67 12.80
CA ASN B 397 3.18 -12.84 11.68
C ASN B 397 2.79 -13.70 10.49
N LEU B 398 3.57 -14.74 10.19
CA LEU B 398 3.25 -15.59 9.06
C LEU B 398 1.92 -16.31 9.26
N LEU B 399 1.74 -16.93 10.41
CA LEU B 399 0.47 -17.61 10.67
C LEU B 399 -0.69 -16.63 10.57
N GLY B 400 -0.47 -15.40 11.04
CA GLY B 400 -1.51 -14.39 10.99
C GLY B 400 -1.78 -13.84 9.61
N ASN B 401 -0.82 -13.96 8.69
CA ASN B 401 -1.01 -13.46 7.34
C ASN B 401 -1.25 -14.63 6.40
N PRO B 402 -2.44 -14.76 5.82
CA PRO B 402 -2.73 -15.94 5.01
C PRO B 402 -2.27 -15.85 3.57
N GLN B 403 -2.24 -14.64 3.01
CA GLN B 403 -2.05 -14.49 1.58
C GLN B 403 -0.65 -14.84 1.12
N ALA B 404 0.28 -15.06 2.04
CA ALA B 404 1.61 -15.53 1.68
C ALA B 404 1.94 -16.88 2.29
N SER B 405 1.14 -17.39 3.21
CA SER B 405 1.42 -18.66 3.85
C SER B 405 0.39 -19.72 3.48
N ILE B 406 -0.89 -19.46 3.72
CA ILE B 406 -1.90 -20.46 3.42
C ILE B 406 -2.23 -20.44 1.93
N ALA B 407 -2.29 -19.26 1.33
CA ALA B 407 -2.64 -19.18 -0.08
C ALA B 407 -1.62 -19.94 -0.92
N GLN B 408 -0.34 -19.81 -0.59
CA GLN B 408 0.67 -20.50 -1.37
C GLN B 408 0.54 -22.02 -1.25
N ILE B 409 0.32 -22.52 -0.04
CA ILE B 409 0.20 -23.96 0.12
C ILE B 409 -1.02 -24.48 -0.62
N ILE B 410 -2.13 -23.74 -0.56
CA ILE B 410 -3.34 -24.20 -1.20
C ILE B 410 -3.19 -24.20 -2.72
N VAL B 411 -2.65 -23.11 -3.28
CA VAL B 411 -2.50 -23.10 -4.73
C VAL B 411 -1.49 -24.16 -5.15
N THR B 412 -0.50 -24.44 -4.31
CA THR B 412 0.44 -25.50 -4.64
C THR B 412 -0.25 -26.85 -4.69
N VAL B 413 -1.10 -27.14 -3.72
CA VAL B 413 -1.80 -28.42 -3.73
C VAL B 413 -2.69 -28.53 -4.95
N VAL B 414 -3.41 -27.46 -5.27
CA VAL B 414 -4.32 -27.49 -6.40
C VAL B 414 -3.54 -27.70 -7.70
N LEU B 415 -2.43 -26.99 -7.87
CA LEU B 415 -1.62 -27.18 -9.06
C LEU B 415 -1.06 -28.59 -9.14
N GLY B 416 -0.63 -29.14 -8.00
CA GLY B 416 -0.17 -30.50 -8.01
C GLY B 416 -1.23 -31.46 -8.52
N LEU B 417 -2.46 -31.30 -8.02
CA LEU B 417 -3.54 -32.17 -8.47
C LEU B 417 -3.83 -31.98 -9.95
N VAL B 418 -3.90 -30.72 -10.40
CA VAL B 418 -4.24 -30.47 -11.79
C VAL B 418 -3.20 -31.08 -12.72
N ILE B 419 -1.92 -30.86 -12.41
CA ILE B 419 -0.87 -31.43 -13.24
C ILE B 419 -0.91 -32.93 -13.20
N GLY B 420 -1.17 -33.51 -12.04
CA GLY B 420 -1.31 -34.95 -11.97
C GLY B 420 -2.43 -35.44 -12.86
N ALA B 421 -3.47 -34.63 -13.05
CA ALA B 421 -4.57 -35.06 -13.90
C ALA B 421 -4.26 -34.87 -15.38
N ILE B 422 -3.61 -33.77 -15.74
CA ILE B 422 -3.45 -33.42 -17.16
C ILE B 422 -2.56 -34.44 -17.86
N TYR B 423 -1.37 -34.68 -17.32
CA TYR B 423 -0.40 -35.54 -17.99
C TYR B 423 -0.49 -36.97 -17.51
N PHE B 424 -1.64 -37.39 -16.99
CA PHE B 424 -1.68 -38.63 -16.21
C PHE B 424 -1.15 -39.80 -17.03
N GLY B 425 -0.27 -40.59 -16.41
CA GLY B 425 0.32 -41.74 -17.05
C GLY B 425 0.96 -41.44 -18.39
N LEU B 426 2.07 -40.72 -18.39
CA LEU B 426 2.78 -40.42 -19.63
C LEU B 426 3.12 -41.69 -20.37
N LYS B 427 3.20 -41.59 -21.69
CA LYS B 427 3.52 -42.72 -22.55
C LYS B 427 4.89 -42.56 -23.15
N ASN B 428 5.66 -43.63 -23.20
CA ASN B 428 6.94 -43.64 -23.90
C ASN B 428 6.64 -43.73 -25.39
N ASP B 429 6.26 -42.59 -25.96
CA ASP B 429 5.75 -42.57 -27.32
C ASP B 429 6.07 -41.20 -27.94
N SER B 430 5.64 -41.03 -29.19
CA SER B 430 5.99 -39.83 -29.97
C SER B 430 5.68 -38.54 -29.25
N THR B 431 4.89 -38.60 -28.19
CA THR B 431 4.54 -37.42 -27.43
C THR B 431 5.31 -37.29 -26.13
N GLY B 432 5.88 -38.38 -25.64
CA GLY B 432 6.49 -38.38 -24.33
C GLY B 432 7.55 -37.32 -24.16
N ILE B 433 8.29 -37.00 -25.22
CA ILE B 433 9.37 -36.03 -25.09
C ILE B 433 8.80 -34.65 -24.80
N GLN B 434 7.83 -34.22 -25.61
CA GLN B 434 7.22 -32.91 -25.36
C GLN B 434 6.54 -32.87 -24.01
N ASN B 435 5.83 -33.95 -23.65
CA ASN B 435 5.16 -33.96 -22.35
C ASN B 435 6.16 -33.81 -21.21
N ARG B 436 7.22 -34.61 -21.23
CA ARG B 436 8.16 -34.59 -20.13
C ARG B 436 8.87 -33.25 -20.03
N ALA B 437 9.28 -32.69 -21.17
CA ALA B 437 9.95 -31.40 -21.10
C ALA B 437 9.00 -30.34 -20.56
N GLY B 438 7.73 -30.39 -20.97
CA GLY B 438 6.79 -29.40 -20.47
C GLY B 438 6.58 -29.51 -18.97
N VAL B 439 6.40 -30.72 -18.46
CA VAL B 439 6.17 -30.88 -17.04
C VAL B 439 7.35 -30.35 -16.25
N LEU B 440 8.56 -30.78 -16.63
CA LEU B 440 9.74 -30.37 -15.86
C LEU B 440 9.92 -28.87 -15.91
N PHE B 441 9.74 -28.26 -17.08
CA PHE B 441 9.90 -26.82 -17.18
C PHE B 441 8.89 -26.10 -16.31
N PHE B 442 7.64 -26.55 -16.30
CA PHE B 442 6.66 -25.85 -15.50
C PHE B 442 6.97 -25.97 -14.01
N LEU B 443 7.33 -27.18 -13.54
CA LEU B 443 7.67 -27.31 -12.13
C LEU B 443 8.79 -26.36 -11.76
N THR B 444 9.85 -26.35 -12.55
CA THR B 444 10.98 -25.48 -12.24
C THR B 444 10.56 -24.02 -12.22
N THR B 445 9.92 -23.56 -13.28
CA THR B 445 9.63 -22.13 -13.34
C THR B 445 8.61 -21.71 -12.30
N ASN B 446 7.73 -22.62 -11.88
CA ASN B 446 6.81 -22.25 -10.81
C ASN B 446 7.54 -22.16 -9.49
N GLN B 447 8.48 -23.07 -9.24
CA GLN B 447 9.28 -22.94 -8.03
C GLN B 447 10.06 -21.64 -8.01
N CYS B 448 10.51 -21.19 -9.19
CA CYS B 448 11.24 -19.93 -9.23
C CYS B 448 10.34 -18.74 -8.94
N PHE B 449 9.19 -18.66 -9.60
CA PHE B 449 8.40 -17.44 -9.54
C PHE B 449 7.62 -17.28 -8.25
N SER B 450 7.57 -18.30 -7.41
CA SER B 450 6.76 -18.19 -6.20
C SER B 450 7.42 -17.28 -5.16
N SER B 451 8.74 -17.17 -5.19
CA SER B 451 9.46 -16.55 -4.09
C SER B 451 9.17 -15.07 -3.93
N VAL B 452 8.54 -14.44 -4.93
CA VAL B 452 8.35 -12.99 -4.89
C VAL B 452 7.42 -12.58 -3.75
N SER B 453 6.41 -13.39 -3.47
CA SER B 453 5.45 -13.00 -2.45
C SER B 453 6.11 -12.83 -1.09
N ALA B 454 6.90 -13.82 -0.69
CA ALA B 454 7.50 -13.77 0.64
C ALA B 454 8.50 -12.63 0.74
N VAL B 455 9.24 -12.36 -0.34
CA VAL B 455 10.18 -11.27 -0.26
C VAL B 455 9.46 -9.93 -0.21
N GLU B 456 8.26 -9.83 -0.78
CA GLU B 456 7.46 -8.63 -0.56
C GLU B 456 7.13 -8.48 0.91
N LEU B 457 6.70 -9.57 1.53
CA LEU B 457 6.38 -9.51 2.96
C LEU B 457 7.60 -9.15 3.78
N PHE B 458 8.79 -9.52 3.32
CA PHE B 458 10.00 -9.13 4.02
C PHE B 458 10.34 -7.66 3.78
N VAL B 459 10.12 -7.17 2.57
CA VAL B 459 10.47 -5.79 2.26
C VAL B 459 9.64 -4.83 3.08
N VAL B 460 8.34 -5.10 3.20
CA VAL B 460 7.49 -4.15 3.92
C VAL B 460 7.88 -3.99 5.38
N GLU B 461 8.84 -4.76 5.87
CA GLU B 461 9.34 -4.62 7.24
C GLU B 461 10.49 -3.65 7.35
N LYS B 462 10.81 -2.91 6.29
CA LYS B 462 12.06 -2.15 6.28
C LYS B 462 12.07 -1.08 7.35
N LYS B 463 11.05 -0.22 7.37
CA LYS B 463 11.02 0.88 8.32
C LYS B 463 10.91 0.36 9.75
N LEU B 464 10.10 -0.67 9.95
CA LEU B 464 9.99 -1.27 11.27
C LEU B 464 11.34 -1.78 11.74
N PHE B 465 12.07 -2.45 10.87
CA PHE B 465 13.38 -2.95 11.24
C PHE B 465 14.33 -1.81 11.57
N ILE B 466 14.30 -0.73 10.78
CA ILE B 466 15.20 0.38 11.03
C ILE B 466 14.92 0.98 12.40
N HIS B 467 13.65 1.24 12.69
CA HIS B 467 13.28 1.83 13.97
C HIS B 467 13.66 0.92 15.12
N GLU B 468 13.48 -0.38 14.94
CA GLU B 468 13.84 -1.29 16.02
C GLU B 468 15.34 -1.38 16.18
N TYR B 469 16.10 -1.18 15.11
CA TYR B 469 17.54 -1.27 15.28
C TYR B 469 18.09 -0.03 15.97
N ILE B 470 17.79 1.15 15.43
CA ILE B 470 18.35 2.36 16.01
C ILE B 470 17.93 2.52 17.46
N SER B 471 16.84 1.87 17.86
CA SER B 471 16.41 1.89 19.25
C SER B 471 17.17 0.90 20.10
N GLY B 472 18.06 0.10 19.52
CA GLY B 472 18.90 -0.77 20.32
C GLY B 472 18.27 -2.06 20.76
N TYR B 473 17.48 -2.70 19.90
CA TYR B 473 16.89 -3.98 20.23
C TYR B 473 17.91 -5.10 20.16
N TYR B 474 18.48 -5.32 18.97
CA TYR B 474 19.28 -6.49 18.68
C TYR B 474 20.39 -6.13 17.71
N ARG B 475 21.19 -7.12 17.34
CA ARG B 475 22.18 -6.94 16.30
C ARG B 475 21.54 -7.19 14.95
N VAL B 476 22.22 -6.77 13.88
CA VAL B 476 21.69 -7.00 12.55
C VAL B 476 21.71 -8.48 12.21
N SER B 477 22.80 -9.16 12.54
CA SER B 477 22.90 -10.58 12.24
C SER B 477 21.76 -11.36 12.87
N SER B 478 21.35 -10.96 14.08
CA SER B 478 20.24 -11.65 14.74
C SER B 478 18.95 -11.48 13.97
N TYR B 479 18.64 -10.24 13.55
CA TYR B 479 17.44 -10.04 12.77
C TYR B 479 17.48 -10.86 11.49
N PHE B 480 18.65 -10.93 10.86
CA PHE B 480 18.75 -11.64 9.60
C PHE B 480 18.47 -13.13 9.80
N LEU B 481 19.21 -13.77 10.70
CA LEU B 481 19.00 -15.20 10.89
C LEU B 481 17.61 -15.50 11.40
N GLY B 482 17.02 -14.59 12.18
CA GLY B 482 15.66 -14.80 12.61
C GLY B 482 14.69 -14.80 11.45
N LYS B 483 14.81 -13.83 10.55
CA LYS B 483 13.93 -13.83 9.39
C LYS B 483 14.14 -15.07 8.54
N LEU B 484 15.38 -15.53 8.44
CA LEU B 484 15.64 -16.74 7.67
C LEU B 484 14.88 -17.93 8.26
N LEU B 485 15.16 -18.26 9.52
CA LEU B 485 14.49 -19.40 10.15
C LEU B 485 12.99 -19.21 10.25
N SER B 486 12.51 -17.98 10.12
CA SER B 486 11.07 -17.76 10.18
C SER B 486 10.42 -18.10 8.84
N ASP B 487 10.82 -17.41 7.78
CA ASP B 487 10.14 -17.60 6.51
C ASP B 487 10.92 -18.50 5.55
N LEU B 488 12.19 -18.19 5.30
CA LEU B 488 12.88 -18.86 4.21
C LEU B 488 13.02 -20.35 4.45
N LEU B 489 13.10 -20.78 5.68
CA LEU B 489 13.31 -22.20 5.86
C LEU B 489 12.04 -23.01 5.64
N PRO B 490 10.97 -22.83 6.42
CA PRO B 490 9.84 -23.76 6.30
C PRO B 490 8.98 -23.56 5.07
N MET B 491 8.61 -22.30 4.82
CA MET B 491 7.62 -22.00 3.80
C MET B 491 8.14 -22.24 2.40
N ARG B 492 9.43 -22.47 2.23
CA ARG B 492 9.97 -22.84 0.93
C ARG B 492 10.40 -24.28 0.86
N MET B 493 10.73 -24.89 1.99
CA MET B 493 11.02 -26.32 2.00
C MET B 493 9.74 -27.13 1.79
N LEU B 494 8.59 -26.58 2.15
CA LEU B 494 7.35 -27.38 2.10
C LEU B 494 6.84 -27.65 0.69
N PRO B 495 6.64 -26.64 -0.17
CA PRO B 495 5.95 -26.92 -1.45
C PRO B 495 6.64 -27.95 -2.31
N SER B 496 7.96 -28.05 -2.24
CA SER B 496 8.66 -29.04 -3.05
C SER B 496 8.22 -30.45 -2.69
N ILE B 497 8.10 -30.73 -1.38
CA ILE B 497 7.63 -32.05 -0.96
C ILE B 497 6.23 -32.31 -1.50
N ILE B 498 5.35 -31.31 -1.42
CA ILE B 498 3.99 -31.47 -1.94
C ILE B 498 4.02 -31.86 -3.41
N PHE B 499 4.75 -31.07 -4.20
CA PHE B 499 4.80 -31.28 -5.64
C PHE B 499 5.31 -32.65 -6.00
N THR B 500 6.46 -33.04 -5.45
CA THR B 500 6.96 -34.36 -5.80
C THR B 500 6.01 -35.45 -5.32
N CYS B 501 5.53 -35.38 -4.07
CA CYS B 501 4.74 -36.49 -3.57
C CYS B 501 3.50 -36.71 -4.37
N ILE B 502 2.96 -35.69 -5.02
CA ILE B 502 1.77 -35.87 -5.84
C ILE B 502 2.14 -36.18 -7.28
N VAL B 503 2.79 -35.23 -7.94
CA VAL B 503 3.04 -35.32 -9.36
C VAL B 503 3.84 -36.56 -9.69
N TYR B 504 4.88 -36.84 -8.92
CA TYR B 504 5.84 -37.84 -9.36
C TYR B 504 5.18 -39.17 -9.63
N PHE B 505 4.39 -39.65 -8.69
CA PHE B 505 3.76 -40.93 -8.98
C PHE B 505 2.51 -40.79 -9.83
N MET B 506 1.90 -39.61 -9.91
CA MET B 506 0.73 -39.53 -10.78
C MET B 506 1.12 -39.56 -12.26
N LEU B 507 2.27 -38.98 -12.62
CA LEU B 507 2.66 -38.82 -14.00
C LEU B 507 3.58 -39.91 -14.51
N GLY B 508 3.90 -40.89 -13.70
CA GLY B 508 4.70 -42.00 -14.18
C GLY B 508 6.09 -41.63 -14.65
N LEU B 509 6.80 -40.83 -13.85
CA LEU B 509 8.18 -40.48 -14.16
C LEU B 509 9.08 -41.66 -13.80
N LYS B 510 10.38 -41.45 -13.73
CA LYS B 510 11.30 -42.56 -13.49
C LYS B 510 10.89 -43.31 -12.23
N PRO B 511 10.63 -44.61 -12.30
CA PRO B 511 9.93 -45.30 -11.21
C PRO B 511 10.80 -45.76 -10.05
N LYS B 512 12.06 -45.37 -9.98
CA LYS B 512 12.86 -45.77 -8.82
C LYS B 512 12.82 -44.70 -7.74
N ALA B 513 13.40 -45.03 -6.59
CA ALA B 513 13.33 -44.13 -5.43
C ALA B 513 14.36 -43.02 -5.51
N ASP B 514 15.57 -43.37 -5.91
CA ASP B 514 16.63 -42.38 -6.00
C ASP B 514 16.20 -41.20 -6.86
N ALA B 515 15.53 -41.48 -7.98
CA ALA B 515 15.05 -40.39 -8.82
C ALA B 515 14.00 -39.56 -8.08
N PHE B 516 13.16 -40.20 -7.29
CA PHE B 516 12.17 -39.45 -6.52
C PHE B 516 12.87 -38.45 -5.60
N PHE B 517 13.83 -38.93 -4.82
CA PHE B 517 14.44 -38.03 -3.86
C PHE B 517 15.32 -36.99 -4.54
N VAL B 518 15.93 -37.33 -5.67
CA VAL B 518 16.70 -36.33 -6.39
C VAL B 518 15.80 -35.23 -6.91
N MET B 519 14.62 -35.59 -7.42
CA MET B 519 13.69 -34.54 -7.82
C MET B 519 13.29 -33.68 -6.64
N MET B 520 13.03 -34.31 -5.50
CA MET B 520 12.63 -33.54 -4.32
C MET B 520 13.73 -32.56 -3.92
N PHE B 521 14.96 -33.06 -3.82
CA PHE B 521 16.07 -32.23 -3.40
C PHE B 521 16.33 -31.11 -4.40
N THR B 522 16.22 -31.43 -5.69
CA THR B 522 16.48 -30.42 -6.71
C THR B 522 15.46 -29.30 -6.64
N LEU B 523 14.19 -29.65 -6.45
CA LEU B 523 13.19 -28.60 -6.32
C LEU B 523 13.45 -27.76 -5.09
N MET B 524 13.84 -28.38 -3.98
CA MET B 524 14.21 -27.60 -2.81
C MET B 524 15.31 -26.61 -3.15
N MET B 525 16.34 -27.07 -3.85
CA MET B 525 17.47 -26.21 -4.15
C MET B 525 17.04 -25.03 -5.01
N VAL B 526 16.23 -25.27 -6.04
CA VAL B 526 15.85 -24.14 -6.89
C VAL B 526 14.99 -23.17 -6.10
N ALA B 527 14.14 -23.67 -5.22
CA ALA B 527 13.32 -22.78 -4.41
C ALA B 527 14.20 -21.88 -3.56
N TYR B 528 15.17 -22.48 -2.88
CA TYR B 528 16.04 -21.70 -2.00
C TYR B 528 16.85 -20.69 -2.80
N SER B 529 17.37 -21.09 -3.95
CA SER B 529 18.16 -20.16 -4.75
C SER B 529 17.32 -18.98 -5.23
N ALA B 530 16.09 -19.25 -5.65
CA ALA B 530 15.23 -18.15 -6.06
C ALA B 530 14.95 -17.22 -4.90
N SER B 531 14.72 -17.76 -3.71
CA SER B 531 14.51 -16.90 -2.55
C SER B 531 15.75 -16.08 -2.26
N SER B 532 16.93 -16.68 -2.37
CA SER B 532 18.15 -15.95 -2.07
C SER B 532 18.33 -14.80 -3.03
N MET B 533 18.08 -15.02 -4.32
CA MET B 533 18.21 -13.93 -5.26
C MET B 533 17.17 -12.85 -4.98
N ALA B 534 15.96 -13.26 -4.60
CA ALA B 534 14.94 -12.29 -4.26
C ALA B 534 15.41 -11.41 -3.11
N LEU B 535 15.98 -12.01 -2.09
CA LEU B 535 16.46 -11.23 -0.96
C LEU B 535 17.58 -10.29 -1.38
N ALA B 536 18.60 -10.82 -2.05
CA ALA B 536 19.74 -9.99 -2.42
C ALA B 536 19.33 -8.85 -3.34
N ILE B 537 18.23 -8.99 -4.08
CA ILE B 537 17.76 -7.87 -4.88
C ILE B 537 16.99 -6.88 -4.02
N ALA B 538 16.19 -7.38 -3.07
CA ALA B 538 15.27 -6.54 -2.33
C ALA B 538 15.63 -6.48 -0.85
N ALA B 539 16.91 -6.37 -0.55
CA ALA B 539 17.37 -6.14 0.82
C ALA B 539 17.82 -4.69 0.90
N GLY B 540 16.98 -3.86 1.49
CA GLY B 540 17.28 -2.45 1.62
C GLY B 540 16.59 -1.56 0.61
N GLN B 541 15.39 -1.93 0.18
CA GLN B 541 14.66 -1.11 -0.77
C GLN B 541 13.40 -0.56 -0.14
N SER B 542 13.01 0.64 -0.55
CA SER B 542 11.88 1.32 0.06
C SER B 542 10.55 0.85 -0.52
N VAL B 543 10.35 1.03 -1.81
CA VAL B 543 9.05 0.79 -2.43
C VAL B 543 8.96 -0.67 -2.86
N VAL B 544 7.78 -1.26 -2.67
CA VAL B 544 7.62 -2.67 -3.01
C VAL B 544 7.31 -2.89 -4.48
N SER B 545 6.79 -1.88 -5.18
CA SER B 545 6.44 -2.07 -6.58
C SER B 545 7.68 -2.12 -7.47
N VAL B 546 8.68 -1.30 -7.17
CA VAL B 546 9.91 -1.34 -7.95
C VAL B 546 10.70 -2.62 -7.67
N ALA B 547 10.73 -3.04 -6.41
CA ALA B 547 11.40 -4.30 -6.09
C ALA B 547 10.75 -5.45 -6.84
N THR B 548 9.41 -5.51 -6.83
CA THR B 548 8.74 -6.58 -7.55
C THR B 548 9.04 -6.50 -9.04
N LEU B 549 9.02 -5.31 -9.61
CA LEU B 549 9.26 -5.18 -11.04
C LEU B 549 10.65 -5.66 -11.41
N LEU B 550 11.67 -5.21 -10.68
CA LEU B 550 13.04 -5.63 -10.98
C LEU B 550 13.18 -7.14 -10.83
N MET B 551 12.59 -7.70 -9.76
CA MET B 551 12.71 -9.12 -9.54
C MET B 551 12.09 -9.92 -10.67
N THR B 552 10.91 -9.53 -11.12
CA THR B 552 10.27 -10.26 -12.20
C THR B 552 11.06 -10.14 -13.49
N ILE B 553 11.64 -8.95 -13.75
CA ILE B 553 12.45 -8.81 -14.95
C ILE B 553 13.63 -9.77 -14.92
N CYS B 554 14.31 -9.83 -13.77
CA CYS B 554 15.45 -10.73 -13.68
C CYS B 554 15.04 -12.17 -13.85
N PHE B 555 13.92 -12.57 -13.24
CA PHE B 555 13.50 -13.96 -13.36
C PHE B 555 13.11 -14.31 -14.79
N VAL B 556 12.46 -13.39 -15.49
CA VAL B 556 12.11 -13.64 -16.88
C VAL B 556 13.37 -13.83 -17.71
N PHE B 557 14.34 -12.94 -17.51
CA PHE B 557 15.58 -13.08 -18.26
C PHE B 557 16.26 -14.40 -17.96
N MET B 558 16.19 -14.88 -16.71
CA MET B 558 16.83 -16.15 -16.41
C MET B 558 16.09 -17.30 -17.08
N MET B 559 14.78 -17.32 -17.06
CA MET B 559 14.10 -18.51 -17.62
C MET B 559 14.20 -18.50 -19.14
N ILE B 560 14.34 -17.33 -19.75
CA ILE B 560 14.49 -17.39 -21.21
C ILE B 560 15.62 -18.34 -21.59
N PHE B 561 16.63 -18.46 -20.73
CA PHE B 561 17.78 -19.30 -21.00
C PHE B 561 17.62 -20.72 -20.48
N SER B 562 16.40 -21.13 -20.17
CA SER B 562 16.21 -22.39 -19.46
C SER B 562 16.65 -23.57 -20.31
N GLY B 563 16.39 -23.53 -21.61
CA GLY B 563 16.73 -24.63 -22.49
C GLY B 563 15.55 -25.17 -23.25
N LEU B 564 14.33 -24.99 -22.72
CA LEU B 564 13.15 -25.37 -23.47
C LEU B 564 12.84 -24.34 -24.55
N LEU B 565 12.95 -23.06 -24.21
CA LEU B 565 12.51 -22.02 -25.15
C LEU B 565 13.49 -21.84 -26.31
N VAL B 566 14.78 -21.99 -26.06
CA VAL B 566 15.77 -21.90 -27.13
C VAL B 566 16.77 -23.02 -26.97
N ASN B 567 17.14 -23.65 -28.07
CA ASN B 567 18.16 -24.68 -28.02
C ASN B 567 19.51 -24.04 -27.80
N LEU B 568 20.13 -24.32 -26.66
CA LEU B 568 21.22 -23.51 -26.16
C LEU B 568 22.47 -23.56 -27.03
N THR B 569 22.54 -24.47 -27.99
CA THR B 569 23.72 -24.54 -28.82
C THR B 569 23.67 -23.62 -30.03
N THR B 570 22.56 -22.93 -30.27
CA THR B 570 22.49 -21.98 -31.38
C THR B 570 22.63 -20.54 -30.92
N ILE B 571 22.61 -20.28 -29.61
CA ILE B 571 22.95 -18.96 -29.13
C ILE B 571 24.37 -18.62 -29.53
N ALA B 572 24.58 -17.39 -29.96
CA ALA B 572 25.88 -17.00 -30.51
C ALA B 572 26.97 -17.21 -29.47
N SER B 573 28.21 -17.20 -29.96
CA SER B 573 29.35 -17.46 -29.08
C SER B 573 29.45 -16.42 -27.97
N TRP B 574 29.23 -15.16 -28.32
CA TRP B 574 29.45 -14.05 -27.40
C TRP B 574 28.27 -13.78 -26.50
N LEU B 575 27.27 -14.65 -26.48
CA LEU B 575 26.17 -14.56 -25.55
C LEU B 575 25.92 -15.83 -24.77
N SER B 576 26.58 -16.93 -25.12
CA SER B 576 26.40 -18.17 -24.39
C SER B 576 26.81 -18.03 -22.94
N TRP B 577 27.79 -17.17 -22.64
CA TRP B 577 28.31 -17.09 -21.28
C TRP B 577 27.21 -16.72 -20.29
N LEU B 578 26.15 -16.06 -20.75
CA LEU B 578 25.04 -15.72 -19.86
C LEU B 578 24.25 -16.93 -19.43
N GLN B 579 24.44 -18.07 -20.08
CA GLN B 579 23.71 -19.27 -19.69
C GLN B 579 24.10 -19.71 -18.28
N TYR B 580 25.30 -19.36 -17.81
CA TYR B 580 25.71 -19.79 -16.48
C TYR B 580 25.06 -18.97 -15.38
N PHE B 581 24.34 -17.91 -15.71
CA PHE B 581 23.74 -17.04 -14.72
C PHE B 581 22.26 -17.34 -14.52
N SER B 582 21.76 -18.45 -15.03
CA SER B 582 20.34 -18.76 -14.95
C SER B 582 20.10 -19.86 -13.94
N ILE B 583 19.35 -19.55 -12.88
CA ILE B 583 18.90 -20.59 -11.96
C ILE B 583 18.01 -21.61 -12.66
N PRO B 584 17.00 -21.21 -13.43
CA PRO B 584 16.18 -22.23 -14.10
C PRO B 584 17.00 -23.12 -14.99
N ARG B 585 18.08 -22.63 -15.59
CA ARG B 585 18.90 -23.51 -16.40
C ARG B 585 19.42 -24.68 -15.58
N TYR B 586 20.02 -24.38 -14.42
CA TYR B 586 20.57 -25.45 -13.61
C TYR B 586 19.48 -26.39 -13.13
N GLY B 587 18.38 -25.83 -12.63
CA GLY B 587 17.32 -26.69 -12.14
C GLY B 587 16.75 -27.60 -13.21
N PHE B 588 16.41 -27.02 -14.35
CA PHE B 588 15.81 -27.79 -15.42
C PHE B 588 16.78 -28.81 -15.97
N THR B 589 18.06 -28.46 -16.06
CA THR B 589 19.04 -29.42 -16.54
C THR B 589 19.15 -30.60 -15.60
N ALA B 590 19.21 -30.32 -14.30
CA ALA B 590 19.30 -31.42 -13.35
C ALA B 590 18.06 -32.29 -13.42
N LEU B 591 16.89 -31.69 -13.57
CA LEU B 591 15.68 -32.48 -13.64
C LEU B 591 15.67 -33.36 -14.88
N GLN B 592 16.05 -32.82 -16.03
CA GLN B 592 16.04 -33.64 -17.23
C GLN B 592 17.07 -34.75 -17.16
N HIS B 593 18.20 -34.51 -16.50
CA HIS B 593 19.29 -35.47 -16.61
C HIS B 593 18.96 -36.78 -15.93
N ASN B 594 18.23 -36.75 -14.82
CA ASN B 594 17.89 -37.99 -14.14
C ASN B 594 16.61 -38.61 -14.66
N GLU B 595 15.92 -37.94 -15.57
CA GLU B 595 14.67 -38.43 -16.12
C GLU B 595 14.87 -39.07 -17.48
N PHE B 596 15.43 -38.33 -18.43
CA PHE B 596 15.55 -38.83 -19.79
C PHE B 596 16.57 -39.94 -19.94
N LEU B 597 17.37 -40.21 -18.92
CA LEU B 597 18.59 -40.99 -19.12
C LEU B 597 18.28 -42.41 -19.61
N GLY B 598 17.42 -43.12 -18.90
CA GLY B 598 17.05 -44.45 -19.33
C GLY B 598 15.76 -44.55 -20.11
N GLN B 599 15.67 -43.94 -21.29
CA GLN B 599 14.39 -43.86 -21.97
C GLN B 599 14.61 -44.04 -23.47
N ASN B 600 13.53 -44.40 -24.17
CA ASN B 600 13.54 -44.49 -25.63
C ASN B 600 12.12 -44.31 -26.14
N PHE B 601 11.95 -43.36 -27.07
CA PHE B 601 10.63 -42.93 -27.53
C PHE B 601 10.37 -43.31 -28.98
N CYS B 602 10.14 -44.59 -29.22
CA CYS B 602 9.97 -45.13 -30.56
C CYS B 602 8.95 -46.26 -30.51
N PRO B 603 8.35 -46.62 -31.64
CA PRO B 603 7.29 -47.63 -31.60
C PRO B 603 7.74 -49.00 -31.12
N GLY B 604 8.66 -49.64 -31.82
CA GLY B 604 9.28 -50.83 -31.26
C GLY B 604 10.78 -50.69 -31.30
N LEU B 605 11.40 -50.59 -30.12
CA LEU B 605 12.80 -50.19 -30.03
C LEU B 605 13.72 -51.17 -30.74
N ASN B 606 13.37 -52.47 -30.69
CA ASN B 606 14.26 -53.49 -31.24
C ASN B 606 14.45 -53.29 -32.73
N ALA B 607 13.37 -53.04 -33.45
CA ALA B 607 13.42 -52.91 -34.90
C ALA B 607 12.84 -51.59 -35.37
N THR B 608 13.00 -50.52 -34.59
CA THR B 608 12.73 -49.18 -35.09
C THR B 608 13.98 -48.54 -35.68
N GLY B 609 15.16 -49.02 -35.31
CA GLY B 609 16.41 -48.53 -35.88
C GLY B 609 16.83 -49.20 -37.16
N ASN B 610 16.10 -50.23 -37.58
CA ASN B 610 16.36 -50.86 -38.87
C ASN B 610 16.22 -49.87 -40.02
N ASN B 611 15.47 -48.79 -39.81
CA ASN B 611 15.40 -47.66 -40.71
C ASN B 611 16.04 -46.48 -40.00
N PRO B 612 17.37 -46.47 -39.88
CA PRO B 612 18.02 -45.48 -39.00
C PRO B 612 18.11 -44.10 -39.63
N CYS B 613 16.97 -43.42 -39.69
CA CYS B 613 16.97 -42.03 -40.13
C CYS B 613 17.45 -41.14 -39.01
N ASN B 614 18.15 -40.07 -39.38
CA ASN B 614 18.53 -39.06 -38.41
C ASN B 614 17.30 -38.21 -38.09
N TYR B 615 17.50 -37.09 -37.41
CA TYR B 615 16.42 -36.26 -36.87
C TYR B 615 15.33 -37.14 -36.27
N ALA B 616 15.77 -38.11 -35.47
CA ALA B 616 14.89 -39.15 -34.94
C ALA B 616 14.63 -39.02 -33.45
N THR B 617 15.66 -38.72 -32.66
CA THR B 617 15.54 -38.64 -31.21
C THR B 617 14.90 -39.90 -30.65
N CYS B 618 15.26 -41.05 -31.22
CA CYS B 618 14.62 -42.30 -30.82
C CYS B 618 14.86 -42.61 -29.34
N THR B 619 16.09 -42.41 -28.86
CA THR B 619 16.39 -42.60 -27.45
C THR B 619 16.40 -41.27 -26.73
N GLY B 620 16.22 -41.32 -25.41
CA GLY B 620 16.24 -40.10 -24.63
C GLY B 620 17.59 -39.40 -24.69
N GLU B 621 18.67 -40.16 -24.57
CA GLU B 621 19.99 -39.57 -24.49
C GLU B 621 20.31 -38.73 -25.71
N GLU B 622 19.81 -39.12 -26.89
CA GLU B 622 20.02 -38.29 -28.05
C GLU B 622 19.35 -36.93 -27.88
N TYR B 623 18.15 -36.92 -27.29
CA TYR B 623 17.55 -35.64 -26.98
C TYR B 623 18.39 -34.87 -25.98
N LEU B 624 18.92 -35.56 -24.98
CA LEU B 624 19.75 -34.88 -23.99
C LEU B 624 20.96 -34.25 -24.65
N VAL B 625 21.57 -34.94 -25.60
CA VAL B 625 22.76 -34.43 -26.28
C VAL B 625 22.40 -33.24 -27.15
N LYS B 626 21.32 -33.33 -27.92
CA LYS B 626 20.96 -32.22 -28.78
C LYS B 626 20.72 -30.96 -27.97
N GLN B 627 20.32 -31.08 -26.72
CA GLN B 627 20.17 -29.92 -25.87
C GLN B 627 21.48 -29.45 -25.26
N GLY B 628 22.57 -30.17 -25.47
CA GLY B 628 23.84 -29.77 -24.89
C GLY B 628 23.88 -29.98 -23.40
N ILE B 629 23.86 -31.23 -22.98
CA ILE B 629 23.96 -31.60 -21.56
C ILE B 629 24.93 -32.77 -21.45
N ASP B 630 25.76 -32.75 -20.43
CA ASP B 630 26.66 -33.86 -20.23
C ASP B 630 25.90 -35.05 -19.68
N LEU B 631 26.52 -36.23 -19.76
CA LEU B 631 25.84 -37.46 -19.42
C LEU B 631 26.39 -38.17 -18.19
N SER B 632 27.67 -38.01 -17.87
CA SER B 632 28.20 -38.59 -16.66
C SER B 632 27.62 -37.86 -15.45
N PRO B 633 27.56 -38.52 -14.28
CA PRO B 633 26.85 -37.93 -13.13
C PRO B 633 27.31 -36.53 -12.77
N TRP B 634 28.49 -36.16 -13.24
CA TRP B 634 28.99 -34.83 -12.95
C TRP B 634 28.05 -33.76 -13.47
N GLY B 635 27.29 -34.03 -14.53
CA GLY B 635 26.31 -33.05 -14.97
C GLY B 635 25.31 -32.72 -13.89
N LEU B 636 24.70 -33.75 -13.31
CA LEU B 636 23.72 -33.56 -12.26
C LEU B 636 24.34 -32.90 -11.04
N TRP B 637 25.42 -33.46 -10.53
CA TRP B 637 25.96 -32.91 -9.29
C TRP B 637 26.53 -31.51 -9.50
N LYS B 638 27.08 -31.22 -10.69
CA LYS B 638 27.56 -29.90 -10.97
C LYS B 638 26.42 -28.89 -10.94
N ASN B 639 25.26 -29.28 -11.46
CA ASN B 639 24.12 -28.38 -11.33
C ASN B 639 23.80 -28.13 -9.87
N HIS B 640 23.84 -29.17 -9.04
CA HIS B 640 23.53 -28.98 -7.63
C HIS B 640 24.52 -28.02 -6.96
N VAL B 641 25.82 -28.17 -7.23
CA VAL B 641 26.78 -27.31 -6.56
C VAL B 641 26.71 -25.88 -7.08
N ALA B 642 26.38 -25.69 -8.36
CA ALA B 642 26.16 -24.33 -8.84
C ALA B 642 25.03 -23.67 -8.07
N LEU B 643 23.94 -24.41 -7.85
CA LEU B 643 22.83 -23.86 -7.09
C LEU B 643 23.25 -23.52 -5.66
N ALA B 644 24.01 -24.40 -5.02
CA ALA B 644 24.43 -24.11 -3.64
C ALA B 644 25.29 -22.85 -3.58
N CYS B 645 26.23 -22.71 -4.50
CA CYS B 645 27.08 -21.52 -4.50
C CYS B 645 26.23 -20.27 -4.72
N MET B 646 25.23 -20.35 -5.59
CA MET B 646 24.39 -19.18 -5.78
C MET B 646 23.66 -18.83 -4.49
N ILE B 647 23.19 -19.83 -3.76
CA ILE B 647 22.52 -19.55 -2.49
C ILE B 647 23.42 -18.79 -1.56
N VAL B 648 24.64 -19.30 -1.35
CA VAL B 648 25.53 -18.68 -0.37
C VAL B 648 25.89 -17.26 -0.80
N ILE B 649 26.22 -17.09 -2.07
CA ILE B 649 26.63 -15.77 -2.54
C ILE B 649 25.51 -14.76 -2.34
N PHE B 650 24.30 -15.14 -2.72
CA PHE B 650 23.22 -14.16 -2.63
C PHE B 650 22.87 -13.85 -1.18
N LEU B 651 22.95 -14.84 -0.28
CA LEU B 651 22.67 -14.54 1.11
C LEU B 651 23.70 -13.58 1.68
N THR B 652 24.98 -13.79 1.38
CA THR B 652 25.98 -12.85 1.89
C THR B 652 25.77 -11.46 1.29
N ILE B 653 25.40 -11.38 0.02
CA ILE B 653 25.16 -10.07 -0.57
C ILE B 653 24.01 -9.37 0.13
N ALA B 654 22.94 -10.11 0.43
CA ALA B 654 21.83 -9.49 1.14
C ALA B 654 22.25 -9.01 2.51
N TYR B 655 23.04 -9.80 3.22
CA TYR B 655 23.48 -9.39 4.53
C TYR B 655 24.33 -8.13 4.46
N LEU B 656 25.18 -8.02 3.44
CA LEU B 656 25.99 -6.81 3.33
C LEU B 656 25.12 -5.60 2.99
N LYS B 657 24.15 -5.76 2.09
CA LYS B 657 23.27 -4.64 1.80
C LYS B 657 22.52 -4.20 3.04
N LEU B 658 22.22 -5.14 3.94
CA LEU B 658 21.59 -4.73 5.20
C LEU B 658 22.58 -4.01 6.11
N LEU B 659 23.77 -4.60 6.30
CA LEU B 659 24.68 -4.09 7.31
C LEU B 659 25.11 -2.66 7.00
N PHE B 660 25.46 -2.39 5.75
CA PHE B 660 25.93 -1.06 5.39
C PHE B 660 24.80 -0.08 5.12
N LEU B 661 23.56 -0.51 5.25
CA LEU B 661 22.44 0.39 5.00
C LEU B 661 22.48 1.56 5.97
N LYS B 662 22.08 2.73 5.50
CA LYS B 662 22.13 3.95 6.29
C LYS B 662 20.99 3.90 7.31
N LYS B 663 21.24 3.16 8.40
CA LYS B 663 20.20 2.88 9.38
C LYS B 663 20.06 4.08 10.31
N TYR B 664 19.39 5.11 9.79
CA TYR B 664 19.12 6.32 10.55
C TYR B 664 17.71 6.80 10.29
PG ATP C . -14.65 10.11 13.92
O1G ATP C . -15.25 11.01 12.95
O2G ATP C . -13.74 9.32 13.12
O3G ATP C . -13.83 10.94 14.78
PB ATP C . -16.90 8.48 13.82
O1B ATP C . -16.44 8.43 12.43
O2B ATP C . -18.13 9.26 13.69
O3B ATP C . -15.77 9.23 14.73
PA ATP C . -18.54 6.21 13.81
O1A ATP C . -18.63 6.28 12.36
O2A ATP C . -19.74 6.96 14.15
O3A ATP C . -17.22 6.98 14.37
O5' ATP C . -18.59 4.68 14.38
C5' ATP C . -19.06 4.46 15.67
C4' ATP C . -18.95 3.01 15.95
O4' ATP C . -19.72 2.29 14.95
C3' ATP C . -17.52 2.64 15.76
O3' ATP C . -17.01 2.09 16.98
C2' ATP C . -17.45 1.62 14.71
O2' ATP C . -16.79 0.46 15.20
C1' ATP C . -18.86 1.26 14.37
N9 ATP C . -19.02 1.25 12.95
C8 ATP C . -19.47 2.29 12.38
N7 ATP C . -19.53 2.01 11.06
C5 ATP C . -19.04 0.58 10.94
C6 ATP C . -18.83 -0.38 9.98
N6 ATP C . -19.10 -0.08 8.59
N1 ATP C . -18.38 -1.57 10.31
C2 ATP C . -18.11 -1.87 11.55
N3 ATP C . -18.28 -1.02 12.56
C4 ATP C . -18.74 0.19 12.32
C1 CLR D . 12.46 5.29 -10.38
C2 CLR D . 11.84 6.45 -9.60
C3 CLR D . 11.78 7.74 -10.43
C4 CLR D . 10.99 7.44 -11.72
C5 CLR D . 11.49 6.24 -12.51
C6 CLR D . 11.79 6.39 -13.81
C7 CLR D . 12.41 5.27 -14.65
C8 CLR D . 12.15 3.89 -13.99
C9 CLR D . 12.55 3.94 -12.49
C10 CLR D . 11.69 4.95 -11.69
C11 CLR D . 12.59 2.53 -11.86
C12 CLR D . 13.43 1.52 -12.67
C13 CLR D . 12.90 1.44 -14.13
C14 CLR D . 13.04 2.88 -14.69
C15 CLR D . 12.87 2.77 -16.24
C16 CLR D . 13.44 1.32 -16.55
C17 CLR D . 13.84 0.71 -15.13
C18 CLR D . 11.46 0.92 -14.25
C19 CLR D . 10.31 4.31 -11.33
C20 CLR D . 13.73 -0.82 -15.21
C21 CLR D . 14.81 -1.60 -14.44
C22 CLR D . 13.90 -1.14 -16.72
C23 CLR D . 15.31 -1.66 -17.07
C24 CLR D . 16.22 -0.38 -16.96
C25 CLR D . 16.50 0.19 -18.37
C26 CLR D . 16.76 1.71 -18.21
C27 CLR D . 17.60 -0.57 -19.16
O1 CLR D . 11.26 8.86 -9.73
C1 CLR E . -15.50 -22.97 -31.41
C2 CLR E . -15.17 -23.48 -32.82
C3 CLR E . -16.05 -22.84 -33.91
C4 CLR E . -15.90 -21.32 -33.79
C5 CLR E . -16.17 -20.76 -32.41
C6 CLR E . -17.19 -19.89 -32.26
C7 CLR E . -17.51 -19.24 -30.91
C8 CLR E . -16.37 -19.50 -29.89
C9 CLR E . -16.03 -21.02 -29.91
C10 CLR E . -15.40 -21.43 -31.26
C11 CLR E . -15.22 -21.45 -28.68
C12 CLR E . -15.76 -20.91 -27.33
C13 CLR E . -15.82 -19.35 -27.39
C14 CLR E . -16.86 -19.07 -28.53
C15 CLR E . -17.28 -17.57 -28.38
C16 CLR E . -17.04 -17.28 -26.84
C17 CLR E . -16.51 -18.64 -26.19
C18 CLR E . -14.47 -18.69 -27.70
C19 CLR E . -13.91 -21.00 -31.28
C20 CLR E . -15.62 -18.32 -25.00
C21 CLR E . -14.77 -19.50 -24.47
C22 CLR E . -16.61 -17.89 -23.84
C23 CLR E . -16.04 -18.03 -22.43
C24 CLR E . -16.93 -17.04 -21.59
C25 CLR E . -16.14 -16.43 -20.40
C26 CLR E . -17.19 -16.09 -19.31
C27 CLR E . -14.95 -17.28 -19.91
O1 CLR E . -15.79 -23.32 -35.23
PG ATP F . 5.28 17.57 12.87
O1G ATP F . 5.80 16.88 14.04
O2G ATP F . 5.12 16.49 11.91
O3G ATP F . 3.93 18.00 13.22
PB ATP F . 7.83 18.41 12.21
O1B ATP F . 8.00 16.96 12.18
O2B ATP F . 8.61 18.76 13.39
O3B ATP F . 6.26 18.77 12.36
PA ATP F . 10.10 19.11 10.73
O1A ATP F . 10.69 17.81 11.01
O2A ATP F . 10.69 19.88 11.80
O3A ATP F . 8.48 19.07 10.87
O5' ATP F . 10.52 19.69 9.25
C5' ATP F . 10.52 21.08 9.06
C4' ATP F . 10.88 21.32 7.64
O4' ATP F . 12.18 20.72 7.38
C3' ATP F . 9.90 20.59 6.80
O3' ATP F . 9.23 21.52 5.94
C2' ATP F . 10.64 19.62 5.98
O2' ATP F . 10.34 19.84 4.60
C1' ATP F . 12.09 19.88 6.20
N9 ATP F . 12.76 18.65 6.45
C8 ATP F . 12.94 18.28 7.64
N7 ATP F . 13.61 17.09 7.58
C5 ATP F . 13.80 16.84 6.10
C6 ATP F . 14.35 15.89 5.26
N6 ATP F . 14.99 14.72 5.83
N1 ATP F . 14.30 16.04 3.97
C2 ATP F . 13.74 17.09 3.42
N3 ATP F . 13.17 18.05 4.13
C4 ATP F . 13.17 17.98 5.45
C10 FY5 G . 7.30 -16.55 -19.52
C13 FY5 G . 5.26 -20.59 -15.39
C15 FY5 G . 5.18 -18.15 -14.55
C17 FY5 G . 4.26 -17.52 -12.42
C01 FY5 G . 8.28 -17.18 -17.45
C02 FY5 G . 7.04 -16.83 -18.25
C03 FY5 G . 6.29 -15.71 -17.54
C04 FY5 G . 5.76 -16.18 -16.15
C05 FY5 G . 5.87 -17.82 -15.87
C06 FY5 G . 5.38 -18.61 -17.04
C07 FY5 G . 6.10 -18.19 -18.36
C08 FY5 G . 6.90 -19.00 -19.16
C09 FY5 G . 7.48 -17.92 -20.22
C12 FY5 G . 5.56 -20.10 -16.85
C14 FY5 G . 4.90 -19.47 -14.31
C16 FY5 G . 4.89 -17.15 -13.61
C18 FY5 G . 3.98 -18.86 -12.17
C19 FY5 G . 4.29 -19.84 -13.12
O11 FY5 G . 7.38 -15.47 -20.00
O20 FY5 G . 3.36 -19.25 -10.98
O22 FY5 G . 1.62 -17.63 -9.91
O23 FY5 G . 2.93 -18.79 -8.49
O24 FY5 G . 3.98 -16.96 -9.80
S21 FY5 G . 3.02 -18.13 -9.83
C1 CLR H . -8.05 -16.03 4.93
C2 CLR H . -8.73 -15.44 6.17
C3 CLR H . -8.88 -13.91 6.11
C4 CLR H . -9.58 -13.53 4.78
C5 CLR H . -9.01 -14.17 3.52
C6 CLR H . -8.72 -13.41 2.45
C7 CLR H . -8.29 -14.03 1.11
C8 CLR H . -8.56 -15.56 1.11
C9 CLR H . -7.98 -16.16 2.41
C10 CLR H . -8.81 -15.70 3.62
C11 CLR H . -7.76 -17.68 2.37
C12 CLR H . -7.13 -18.18 1.05
C13 CLR H . -8.03 -17.72 -0.13
C14 CLR H . -7.89 -16.16 -0.11
C15 CLR H . -8.39 -15.65 -1.50
C16 CLR H . -8.14 -16.88 -2.46
C17 CLR H . -7.47 -18.01 -1.55
C18 CLR H . -9.49 -18.16 -0.01
C19 CLR H . -10.19 -16.42 3.61
C20 CLR H . -7.84 -19.38 -2.13
C21 CLR H . -6.74 -20.45 -2.02
C22 CLR H . -8.09 -19.10 -3.64
C23 CLR H . -7.63 -20.25 -4.54
C24 CLR H . -8.34 -19.96 -5.90
C25 CLR H . -8.38 -21.26 -6.73
C26 CLR H . -8.48 -20.86 -8.23
C27 CLR H . -7.23 -22.25 -6.41
O1 CLR H . -9.54 -13.36 7.24
C1 CLR I . 31.76 -24.65 -13.76
C2 CLR I . 32.00 -26.08 -14.24
C3 CLR I . 32.47 -27.02 -13.09
C4 CLR I . 31.44 -26.94 -11.95
C5 CLR I . 31.09 -25.54 -11.49
C6 CLR I . 31.24 -25.23 -10.19
C7 CLR I . 30.86 -23.86 -9.62
C8 CLR I . 30.04 -23.05 -10.67
C9 CLR I . 30.76 -23.12 -12.04
C10 CLR I . 30.72 -24.55 -12.61
C11 CLR I . 30.28 -22.05 -13.03
C12 CLR I . 30.11 -20.64 -12.43
C13 CLR I . 29.15 -20.73 -11.20
C14 CLR I . 29.96 -21.62 -10.21
C15 CLR I . 29.36 -21.37 -8.79
C16 CLR I . 28.82 -19.88 -8.87
C17 CLR I . 28.97 -19.42 -10.40
C18 CLR I . 27.79 -21.37 -11.52
C19 CLR I . 29.29 -24.84 -13.16
C20 CLR I . 27.75 -18.59 -10.78
C21 CLR I . 27.69 -18.14 -12.26
C22 CLR I . 27.86 -17.30 -9.89
C23 CLR I . 27.15 -16.07 -10.47
C24 CLR I . 26.86 -15.20 -9.19
C25 CLR I . 25.72 -14.20 -9.45
C26 CLR I . 26.07 -12.92 -8.61
C27 CLR I . 25.42 -13.93 -10.94
O1 CLR I . 32.73 -28.35 -13.51
#